data_5LIJ
# 
_entry.id   5LIJ 
# 
_audit_conform.dict_name       mmcif_pdbx.dic 
_audit_conform.dict_version    5.392 
_audit_conform.dict_location   http://mmcif.pdb.org/dictionaries/ascii/mmcif_pdbx.dic 
# 
loop_
_database_2.database_id 
_database_2.database_code 
_database_2.pdbx_database_accession 
_database_2.pdbx_DOI 
PDB   5LIJ         pdb_00005lij 10.2210/pdb5lij/pdb 
WWPDB D_1200000799 ?            ?                   
EMDB  EMD-4054     ?            ?                   
# 
loop_
_pdbx_audit_revision_history.ordinal 
_pdbx_audit_revision_history.data_content_type 
_pdbx_audit_revision_history.major_revision 
_pdbx_audit_revision_history.minor_revision 
_pdbx_audit_revision_history.revision_date 
1 'Structure model' 1 0 2017-07-26 
2 'Structure model' 1 1 2017-08-02 
3 'Structure model' 1 2 2019-12-11 
4 'Structure model' 1 3 2024-05-15 
# 
_pdbx_audit_revision_details.ordinal             1 
_pdbx_audit_revision_details.revision_ordinal    1 
_pdbx_audit_revision_details.data_content_type   'Structure model' 
_pdbx_audit_revision_details.provider            repository 
_pdbx_audit_revision_details.type                'Initial release' 
_pdbx_audit_revision_details.description         ? 
_pdbx_audit_revision_details.details             ? 
# 
loop_
_pdbx_audit_revision_group.ordinal 
_pdbx_audit_revision_group.revision_ordinal 
_pdbx_audit_revision_group.data_content_type 
_pdbx_audit_revision_group.group 
1 2 'Structure model' 'Data collection'     
2 3 'Structure model' Other                 
3 4 'Structure model' 'Data collection'     
4 4 'Structure model' 'Database references' 
# 
loop_
_pdbx_audit_revision_category.ordinal 
_pdbx_audit_revision_category.revision_ordinal 
_pdbx_audit_revision_category.data_content_type 
_pdbx_audit_revision_category.category 
1 2 'Structure model' em_software    
2 3 'Structure model' atom_sites     
3 4 'Structure model' chem_comp_atom 
4 4 'Structure model' chem_comp_bond 
5 4 'Structure model' database_2     
# 
loop_
_pdbx_audit_revision_item.ordinal 
_pdbx_audit_revision_item.revision_ordinal 
_pdbx_audit_revision_item.data_content_type 
_pdbx_audit_revision_item.item 
1 2 'Structure model' '_em_software.name'                     
2 2 'Structure model' '_em_software.version'                  
3 3 'Structure model' '_atom_sites.fract_transf_matrix[1][1]' 
4 3 'Structure model' '_atom_sites.fract_transf_matrix[2][2]' 
5 3 'Structure model' '_atom_sites.fract_transf_matrix[3][3]' 
6 4 'Structure model' '_database_2.pdbx_DOI'                  
7 4 'Structure model' '_database_2.pdbx_database_accession'   
# 
_pdbx_database_status.status_code                     REL 
_pdbx_database_status.status_code_sf                  ? 
_pdbx_database_status.status_code_mr                  ? 
_pdbx_database_status.entry_id                        5LIJ 
_pdbx_database_status.recvd_initial_deposition_date   2016-07-14 
_pdbx_database_status.SG_entry                        N 
_pdbx_database_status.deposit_site                    PDBE 
_pdbx_database_status.process_site                    PDBE 
_pdbx_database_status.status_code_cs                  ? 
_pdbx_database_status.methods_development_category    ? 
_pdbx_database_status.pdb_format_compatible           Y 
_pdbx_database_status.status_code_nmr_data            ? 
# 
_pdbx_database_related.db_name        EMDB 
_pdbx_database_related.details        . 
_pdbx_database_related.db_id          EMD-4054 
_pdbx_database_related.content_type   'associated EM volume' 
# 
loop_
_audit_author.name 
_audit_author.pdbx_ordinal 
_audit_author.identifier_ORCID 
'Novacek, J.'  1 ? 
'Siborova, M.' 2 ? 
'Benesik, M.'  3 ? 
'Pantucek, R.' 4 ? 
'Doskar, J.'   5 ? 
'Plevka, P.'   6 ? 
# 
_citation.abstract                  ? 
_citation.abstract_id_CAS           ? 
_citation.book_id_ISBN              ? 
_citation.book_publisher            ? 
_citation.book_publisher_city       ? 
_citation.book_title                ? 
_citation.coordinate_linkage        ? 
_citation.country                   US 
_citation.database_id_Medline       ? 
_citation.details                   ? 
_citation.id                        primary 
_citation.journal_abbrev            'Proc. Natl. Acad. Sci. U.S.A.' 
_citation.journal_id_ASTM           PNASA6 
_citation.journal_id_CSD            0040 
_citation.journal_id_ISSN           1091-6490 
_citation.journal_full              ? 
_citation.journal_issue             ? 
_citation.journal_volume            113 
_citation.language                  ? 
_citation.page_first                9351 
_citation.page_last                 9356 
_citation.title                     'Structure and genome release of Twort-like Myoviridae phage with a double-layered baseplate.' 
_citation.year                      2016 
_citation.database_id_CSD           ? 
_citation.pdbx_database_id_DOI      10.1073/pnas.1605883113 
_citation.pdbx_database_id_PubMed   27469164 
_citation.unpublished_flag          ? 
# 
loop_
_citation_author.citation_id 
_citation_author.name 
_citation_author.ordinal 
_citation_author.identifier_ORCID 
primary 'Novacek, J.'  1 ? 
primary 'Siborova, M.' 2 ? 
primary 'Benesik, M.'  3 ? 
primary 'Pantucek, R.' 4 ? 
primary 'Doskar, J.'   5 ? 
primary 'Plevka, P.'   6 ? 
# 
_entity.id                         1 
_entity.type                       polymer 
_entity.src_method                 man 
_entity.pdbx_description           'polyalanine chain built in bacteriophage phi812K1-420 cement protein density map' 
_entity.formula_weight             10821.817 
_entity.pdbx_number_of_molecules   1 
_entity.pdbx_ec                    ? 
_entity.pdbx_mutation              ? 
_entity.pdbx_fragment              ? 
_entity.details                    ? 
# 
_entity_poly.entity_id                      1 
_entity_poly.type                           'polypeptide(L)' 
_entity_poly.nstd_linkage                   no 
_entity_poly.nstd_monomer                   no 
_entity_poly.pdbx_seq_one_letter_code       
;AAAAAAAAAAAAAAAAAAAAAAAAAAAAAAAAAAAAAAAAAAAAAAAAAAAAAAAAAAAAAAAAAAAAAAAAAAAAAAAA
AAAAAAAAAAAAAAAAAAAAAAAAAAAAAAAAAAAAAAAAAAAAAAAAAAAAAAAAAAAAAAAAAAAAAAAA
;
_entity_poly.pdbx_seq_one_letter_code_can   
;AAAAAAAAAAAAAAAAAAAAAAAAAAAAAAAAAAAAAAAAAAAAAAAAAAAAAAAAAAAAAAAAAAAAAAAAAAAAAAAA
AAAAAAAAAAAAAAAAAAAAAAAAAAAAAAAAAAAAAAAAAAAAAAAAAAAAAAAAAAAAAAAAAAAAAAAA
;
_entity_poly.pdbx_strand_id                 P 
_entity_poly.pdbx_target_identifier         ? 
# 
loop_
_entity_poly_seq.entity_id 
_entity_poly_seq.num 
_entity_poly_seq.mon_id 
_entity_poly_seq.hetero 
1 1   ALA n 
1 2   ALA n 
1 3   ALA n 
1 4   ALA n 
1 5   ALA n 
1 6   ALA n 
1 7   ALA n 
1 8   ALA n 
1 9   ALA n 
1 10  ALA n 
1 11  ALA n 
1 12  ALA n 
1 13  ALA n 
1 14  ALA n 
1 15  ALA n 
1 16  ALA n 
1 17  ALA n 
1 18  ALA n 
1 19  ALA n 
1 20  ALA n 
1 21  ALA n 
1 22  ALA n 
1 23  ALA n 
1 24  ALA n 
1 25  ALA n 
1 26  ALA n 
1 27  ALA n 
1 28  ALA n 
1 29  ALA n 
1 30  ALA n 
1 31  ALA n 
1 32  ALA n 
1 33  ALA n 
1 34  ALA n 
1 35  ALA n 
1 36  ALA n 
1 37  ALA n 
1 38  ALA n 
1 39  ALA n 
1 40  ALA n 
1 41  ALA n 
1 42  ALA n 
1 43  ALA n 
1 44  ALA n 
1 45  ALA n 
1 46  ALA n 
1 47  ALA n 
1 48  ALA n 
1 49  ALA n 
1 50  ALA n 
1 51  ALA n 
1 52  ALA n 
1 53  ALA n 
1 54  ALA n 
1 55  ALA n 
1 56  ALA n 
1 57  ALA n 
1 58  ALA n 
1 59  ALA n 
1 60  ALA n 
1 61  ALA n 
1 62  ALA n 
1 63  ALA n 
1 64  ALA n 
1 65  ALA n 
1 66  ALA n 
1 67  ALA n 
1 68  ALA n 
1 69  ALA n 
1 70  ALA n 
1 71  ALA n 
1 72  ALA n 
1 73  ALA n 
1 74  ALA n 
1 75  ALA n 
1 76  ALA n 
1 77  ALA n 
1 78  ALA n 
1 79  ALA n 
1 80  ALA n 
1 81  ALA n 
1 82  ALA n 
1 83  ALA n 
1 84  ALA n 
1 85  ALA n 
1 86  ALA n 
1 87  ALA n 
1 88  ALA n 
1 89  ALA n 
1 90  ALA n 
1 91  ALA n 
1 92  ALA n 
1 93  ALA n 
1 94  ALA n 
1 95  ALA n 
1 96  ALA n 
1 97  ALA n 
1 98  ALA n 
1 99  ALA n 
1 100 ALA n 
1 101 ALA n 
1 102 ALA n 
1 103 ALA n 
1 104 ALA n 
1 105 ALA n 
1 106 ALA n 
1 107 ALA n 
1 108 ALA n 
1 109 ALA n 
1 110 ALA n 
1 111 ALA n 
1 112 ALA n 
1 113 ALA n 
1 114 ALA n 
1 115 ALA n 
1 116 ALA n 
1 117 ALA n 
1 118 ALA n 
1 119 ALA n 
1 120 ALA n 
1 121 ALA n 
1 122 ALA n 
1 123 ALA n 
1 124 ALA n 
1 125 ALA n 
1 126 ALA n 
1 127 ALA n 
1 128 ALA n 
1 129 ALA n 
1 130 ALA n 
1 131 ALA n 
1 132 ALA n 
1 133 ALA n 
1 134 ALA n 
1 135 ALA n 
1 136 ALA n 
1 137 ALA n 
1 138 ALA n 
1 139 ALA n 
1 140 ALA n 
1 141 ALA n 
1 142 ALA n 
1 143 ALA n 
1 144 ALA n 
1 145 ALA n 
1 146 ALA n 
1 147 ALA n 
1 148 ALA n 
1 149 ALA n 
1 150 ALA n 
1 151 ALA n 
1 152 ALA n 
# 
_entity_src_gen.entity_id                          1 
_entity_src_gen.pdbx_src_id                        1 
_entity_src_gen.pdbx_alt_source_flag               sample 
_entity_src_gen.pdbx_seq_type                      'Biological sequence' 
_entity_src_gen.pdbx_beg_seq_num                   1 
_entity_src_gen.pdbx_end_seq_num                   152 
_entity_src_gen.gene_src_common_name               ? 
_entity_src_gen.gene_src_genus                     ? 
_entity_src_gen.pdbx_gene_src_gene                 ? 
_entity_src_gen.gene_src_species                   ? 
_entity_src_gen.gene_src_strain                    ? 
_entity_src_gen.gene_src_tissue                    ? 
_entity_src_gen.gene_src_tissue_fraction           ? 
_entity_src_gen.gene_src_details                   ? 
_entity_src_gen.pdbx_gene_src_fragment             ? 
_entity_src_gen.pdbx_gene_src_scientific_name      'Staphylococcus phage 812' 
_entity_src_gen.pdbx_gene_src_ncbi_taxonomy_id     307898 
_entity_src_gen.pdbx_gene_src_variant              ? 
_entity_src_gen.pdbx_gene_src_cell_line            ? 
_entity_src_gen.pdbx_gene_src_atcc                 ? 
_entity_src_gen.pdbx_gene_src_organ                ? 
_entity_src_gen.pdbx_gene_src_organelle            ? 
_entity_src_gen.pdbx_gene_src_cell                 ? 
_entity_src_gen.pdbx_gene_src_cellular_location    ? 
_entity_src_gen.host_org_common_name               ? 
_entity_src_gen.pdbx_host_org_scientific_name      Staphylococcaceae 
_entity_src_gen.pdbx_host_org_ncbi_taxonomy_id     90964 
_entity_src_gen.host_org_genus                     ? 
_entity_src_gen.pdbx_host_org_gene                 ? 
_entity_src_gen.pdbx_host_org_organ                ? 
_entity_src_gen.host_org_species                   ? 
_entity_src_gen.pdbx_host_org_tissue               ? 
_entity_src_gen.pdbx_host_org_tissue_fraction      ? 
_entity_src_gen.pdbx_host_org_strain               ? 
_entity_src_gen.pdbx_host_org_variant              ? 
_entity_src_gen.pdbx_host_org_cell_line            ? 
_entity_src_gen.pdbx_host_org_atcc                 ? 
_entity_src_gen.pdbx_host_org_culture_collection   ? 
_entity_src_gen.pdbx_host_org_cell                 ? 
_entity_src_gen.pdbx_host_org_organelle            ? 
_entity_src_gen.pdbx_host_org_cellular_location    ? 
_entity_src_gen.pdbx_host_org_vector_type          ? 
_entity_src_gen.pdbx_host_org_vector               ? 
_entity_src_gen.host_org_details                   ? 
_entity_src_gen.expression_system_id               ? 
_entity_src_gen.plasmid_name                       ? 
_entity_src_gen.plasmid_details                    ? 
_entity_src_gen.pdbx_description                   ? 
# 
_chem_comp.id               ALA 
_chem_comp.type             'L-peptide linking' 
_chem_comp.mon_nstd_flag    y 
_chem_comp.name             ALANINE 
_chem_comp.pdbx_synonyms    ? 
_chem_comp.formula          'C3 H7 N O2' 
_chem_comp.formula_weight   89.093 
# 
loop_
_pdbx_poly_seq_scheme.asym_id 
_pdbx_poly_seq_scheme.entity_id 
_pdbx_poly_seq_scheme.seq_id 
_pdbx_poly_seq_scheme.mon_id 
_pdbx_poly_seq_scheme.ndb_seq_num 
_pdbx_poly_seq_scheme.pdb_seq_num 
_pdbx_poly_seq_scheme.auth_seq_num 
_pdbx_poly_seq_scheme.pdb_mon_id 
_pdbx_poly_seq_scheme.auth_mon_id 
_pdbx_poly_seq_scheme.pdb_strand_id 
_pdbx_poly_seq_scheme.pdb_ins_code 
_pdbx_poly_seq_scheme.hetero 
A 1 1   ALA 1   1   1   ALA ALA P . n 
A 1 2   ALA 2   2   2   ALA ALA P . n 
A 1 3   ALA 3   3   3   ALA ALA P . n 
A 1 4   ALA 4   4   4   ALA ALA P . n 
A 1 5   ALA 5   5   5   ALA ALA P . n 
A 1 6   ALA 6   6   6   ALA ALA P . n 
A 1 7   ALA 7   7   7   ALA ALA P . n 
A 1 8   ALA 8   8   8   ALA ALA P . n 
A 1 9   ALA 9   9   9   ALA ALA P . n 
A 1 10  ALA 10  10  10  ALA ALA P . n 
A 1 11  ALA 11  11  11  ALA ALA P . n 
A 1 12  ALA 12  12  12  ALA ALA P . n 
A 1 13  ALA 13  13  13  ALA ALA P . n 
A 1 14  ALA 14  14  14  ALA ALA P . n 
A 1 15  ALA 15  15  15  ALA ALA P . n 
A 1 16  ALA 16  16  16  ALA ALA P . n 
A 1 17  ALA 17  17  17  ALA ALA P . n 
A 1 18  ALA 18  18  18  ALA ALA P . n 
A 1 19  ALA 19  19  19  ALA ALA P . n 
A 1 20  ALA 20  20  20  ALA ALA P . n 
A 1 21  ALA 21  21  21  ALA ALA P . n 
A 1 22  ALA 22  22  22  ALA ALA P . n 
A 1 23  ALA 23  23  23  ALA ALA P . n 
A 1 24  ALA 24  24  24  ALA ALA P . n 
A 1 25  ALA 25  25  25  ALA ALA P . n 
A 1 26  ALA 26  26  26  ALA ALA P . n 
A 1 27  ALA 27  27  27  ALA ALA P . n 
A 1 28  ALA 28  28  28  ALA ALA P . n 
A 1 29  ALA 29  29  29  ALA ALA P . n 
A 1 30  ALA 30  30  30  ALA ALA P . n 
A 1 31  ALA 31  31  31  ALA ALA P . n 
A 1 32  ALA 32  32  32  ALA ALA P . n 
A 1 33  ALA 33  33  33  ALA ALA P . n 
A 1 34  ALA 34  34  34  ALA ALA P . n 
A 1 35  ALA 35  35  35  ALA ALA P . n 
A 1 36  ALA 36  36  36  ALA ALA P . n 
A 1 37  ALA 37  37  37  ALA ALA P . n 
A 1 38  ALA 38  38  38  ALA ALA P . n 
A 1 39  ALA 39  39  39  ALA ALA P . n 
A 1 40  ALA 40  40  40  ALA ALA P . n 
A 1 41  ALA 41  41  41  ALA ALA P . n 
A 1 42  ALA 42  42  42  ALA ALA P . n 
A 1 43  ALA 43  43  43  ALA ALA P . n 
A 1 44  ALA 44  44  44  ALA ALA P . n 
A 1 45  ALA 45  45  45  ALA ALA P . n 
A 1 46  ALA 46  46  46  ALA ALA P . n 
A 1 47  ALA 47  47  47  ALA ALA P . n 
A 1 48  ALA 48  48  48  ALA ALA P . n 
A 1 49  ALA 49  49  49  ALA ALA P . n 
A 1 50  ALA 50  50  50  ALA ALA P . n 
A 1 51  ALA 51  51  51  ALA ALA P . n 
A 1 52  ALA 52  52  52  ALA ALA P . n 
A 1 53  ALA 53  53  53  ALA ALA P . n 
A 1 54  ALA 54  54  54  ALA ALA P . n 
A 1 55  ALA 55  55  55  ALA ALA P . n 
A 1 56  ALA 56  56  56  ALA ALA P . n 
A 1 57  ALA 57  57  57  ALA ALA P . n 
A 1 58  ALA 58  58  58  ALA ALA P . n 
A 1 59  ALA 59  59  59  ALA ALA P . n 
A 1 60  ALA 60  60  60  ALA ALA P . n 
A 1 61  ALA 61  61  61  ALA ALA P . n 
A 1 62  ALA 62  62  62  ALA ALA P . n 
A 1 63  ALA 63  63  63  ALA ALA P . n 
A 1 64  ALA 64  64  64  ALA ALA P . n 
A 1 65  ALA 65  65  65  ALA ALA P . n 
A 1 66  ALA 66  66  66  ALA ALA P . n 
A 1 67  ALA 67  67  67  ALA ALA P . n 
A 1 68  ALA 68  68  68  ALA ALA P . n 
A 1 69  ALA 69  69  69  ALA ALA P . n 
A 1 70  ALA 70  70  70  ALA ALA P . n 
A 1 71  ALA 71  71  71  ALA ALA P . n 
A 1 72  ALA 72  72  72  ALA ALA P . n 
A 1 73  ALA 73  73  73  ALA ALA P . n 
A 1 74  ALA 74  74  74  ALA ALA P . n 
A 1 75  ALA 75  75  75  ALA ALA P . n 
A 1 76  ALA 76  76  76  ALA ALA P . n 
A 1 77  ALA 77  77  77  ALA ALA P . n 
A 1 78  ALA 78  78  78  ALA ALA P . n 
A 1 79  ALA 79  79  79  ALA ALA P . n 
A 1 80  ALA 80  80  80  ALA ALA P . n 
A 1 81  ALA 81  81  81  ALA ALA P . n 
A 1 82  ALA 82  82  82  ALA ALA P . n 
A 1 83  ALA 83  83  83  ALA ALA P . n 
A 1 84  ALA 84  84  84  ALA ALA P . n 
A 1 85  ALA 85  85  85  ALA ALA P . n 
A 1 86  ALA 86  86  86  ALA ALA P . n 
A 1 87  ALA 87  87  87  ALA ALA P . n 
A 1 88  ALA 88  88  88  ALA ALA P . n 
A 1 89  ALA 89  89  89  ALA ALA P . n 
A 1 90  ALA 90  90  90  ALA ALA P . n 
A 1 91  ALA 91  91  91  ALA ALA P . n 
A 1 92  ALA 92  92  92  ALA ALA P . n 
A 1 93  ALA 93  93  93  ALA ALA P . n 
A 1 94  ALA 94  94  94  ALA ALA P . n 
A 1 95  ALA 95  95  95  ALA ALA P . n 
A 1 96  ALA 96  96  96  ALA ALA P . n 
A 1 97  ALA 97  97  97  ALA ALA P . n 
A 1 98  ALA 98  98  98  ALA ALA P . n 
A 1 99  ALA 99  99  99  ALA ALA P . n 
A 1 100 ALA 100 100 100 ALA ALA P . n 
A 1 101 ALA 101 101 101 ALA ALA P . n 
A 1 102 ALA 102 102 102 ALA ALA P . n 
A 1 103 ALA 103 103 103 ALA ALA P . n 
A 1 104 ALA 104 104 104 ALA ALA P . n 
A 1 105 ALA 105 105 105 ALA ALA P . n 
A 1 106 ALA 106 106 106 ALA ALA P . n 
A 1 107 ALA 107 107 107 ALA ALA P . n 
A 1 108 ALA 108 108 108 ALA ALA P . n 
A 1 109 ALA 109 109 109 ALA ALA P . n 
A 1 110 ALA 110 110 110 ALA ALA P . n 
A 1 111 ALA 111 111 111 ALA ALA P . n 
A 1 112 ALA 112 112 112 ALA ALA P . n 
A 1 113 ALA 113 113 113 ALA ALA P . n 
A 1 114 ALA 114 114 114 ALA ALA P . n 
A 1 115 ALA 115 115 115 ALA ALA P . n 
A 1 116 ALA 116 116 116 ALA ALA P . n 
A 1 117 ALA 117 117 117 ALA ALA P . n 
A 1 118 ALA 118 118 118 ALA ALA P . n 
A 1 119 ALA 119 119 119 ALA ALA P . n 
A 1 120 ALA 120 120 120 ALA ALA P . n 
A 1 121 ALA 121 121 121 ALA ALA P . n 
A 1 122 ALA 122 122 122 ALA ALA P . n 
A 1 123 ALA 123 123 123 ALA ALA P . n 
A 1 124 ALA 124 124 124 ALA ALA P . n 
A 1 125 ALA 125 125 125 ALA ALA P . n 
A 1 126 ALA 126 126 126 ALA ALA P . n 
A 1 127 ALA 127 127 127 ALA ALA P . n 
A 1 128 ALA 128 128 128 ALA ALA P . n 
A 1 129 ALA 129 129 129 ALA ALA P . n 
A 1 130 ALA 130 130 130 ALA ALA P . n 
A 1 131 ALA 131 131 131 ALA ALA P . n 
A 1 132 ALA 132 132 132 ALA ALA P . n 
A 1 133 ALA 133 133 133 ALA ALA P . n 
A 1 134 ALA 134 134 134 ALA ALA P . n 
A 1 135 ALA 135 135 135 ALA ALA P . n 
A 1 136 ALA 136 136 136 ALA ALA P . n 
A 1 137 ALA 137 137 137 ALA ALA P . n 
A 1 138 ALA 138 138 138 ALA ALA P . n 
A 1 139 ALA 139 139 139 ALA ALA P . n 
A 1 140 ALA 140 140 140 ALA ALA P . n 
A 1 141 ALA 141 141 141 ALA ALA P . n 
A 1 142 ALA 142 142 142 ALA ALA P . n 
A 1 143 ALA 143 143 143 ALA ALA P . n 
A 1 144 ALA 144 144 144 ALA ALA P . n 
A 1 145 ALA 145 145 145 ALA ALA P . n 
A 1 146 ALA 146 146 146 ALA ALA P . n 
A 1 147 ALA 147 147 147 ALA ALA P . n 
A 1 148 ALA 148 148 148 ALA ALA P . n 
A 1 149 ALA 149 149 149 ALA ALA P . n 
A 1 150 ALA 150 150 150 ALA ALA P . n 
A 1 151 ALA 151 151 151 ALA ALA P . n 
A 1 152 ALA 152 152 152 ALA ALA P . n 
# 
_cell.angle_alpha                  90.00 
_cell.angle_alpha_esd              ? 
_cell.angle_beta                   90.00 
_cell.angle_beta_esd               ? 
_cell.angle_gamma                  90.00 
_cell.angle_gamma_esd              ? 
_cell.entry_id                     5LIJ 
_cell.details                      ? 
_cell.formula_units_Z              ? 
_cell.length_a                     1.000 
_cell.length_a_esd                 ? 
_cell.length_b                     1.000 
_cell.length_b_esd                 ? 
_cell.length_c                     1.000 
_cell.length_c_esd                 ? 
_cell.volume                       ? 
_cell.volume_esd                   ? 
_cell.Z_PDB                        1 
_cell.reciprocal_angle_alpha       ? 
_cell.reciprocal_angle_beta        ? 
_cell.reciprocal_angle_gamma       ? 
_cell.reciprocal_angle_alpha_esd   ? 
_cell.reciprocal_angle_beta_esd    ? 
_cell.reciprocal_angle_gamma_esd   ? 
_cell.reciprocal_length_a          ? 
_cell.reciprocal_length_b          ? 
_cell.reciprocal_length_c          ? 
_cell.reciprocal_length_a_esd      ? 
_cell.reciprocal_length_b_esd      ? 
_cell.reciprocal_length_c_esd      ? 
_cell.pdbx_unique_axis             ? 
# 
_symmetry.entry_id                         5LIJ 
_symmetry.cell_setting                     ? 
_symmetry.Int_Tables_number                1 
_symmetry.space_group_name_Hall            ? 
_symmetry.space_group_name_H-M             'P 1' 
_symmetry.pdbx_full_space_group_name_H-M   ? 
# 
_exptl.absorpt_coefficient_mu     ? 
_exptl.absorpt_correction_T_max   ? 
_exptl.absorpt_correction_T_min   ? 
_exptl.absorpt_correction_type    ? 
_exptl.absorpt_process_details    ? 
_exptl.entry_id                   5LIJ 
_exptl.crystals_number            ? 
_exptl.details                    ? 
_exptl.method                     'ELECTRON MICROSCOPY' 
_exptl.method_details             ? 
# 
_struct.entry_id                     5LIJ 
_struct.title                        'polyalanine chain built in bacteriophage phi812K1-420 cement protein density map' 
_struct.pdbx_model_details           ? 
_struct.pdbx_formula_weight          ? 
_struct.pdbx_formula_weight_method   ? 
_struct.pdbx_model_type_details      ? 
_struct.pdbx_CASP_flag               N 
# 
_struct_keywords.entry_id        5LIJ 
_struct_keywords.text            
'polyvalent staphylococcal bactoriophage, Myoviridae, tail sheath, tail contraction, viral protein' 
_struct_keywords.pdbx_keywords   'VIRAL PROTEIN' 
# 
_struct_asym.id                            A 
_struct_asym.pdbx_blank_PDB_chainid_flag   N 
_struct_asym.pdbx_modified                 N 
_struct_asym.entity_id                     1 
_struct_asym.details                       ? 
# 
_struct_ref.id                         1 
_struct_ref.db_name                    PDB 
_struct_ref.db_code                    5LIJ 
_struct_ref.pdbx_db_accession          5LIJ 
_struct_ref.pdbx_db_isoform            ? 
_struct_ref.entity_id                  1 
_struct_ref.pdbx_seq_one_letter_code   ? 
_struct_ref.pdbx_align_begin           1 
# 
_struct_ref_seq.align_id                      1 
_struct_ref_seq.ref_id                        1 
_struct_ref_seq.pdbx_PDB_id_code              5LIJ 
_struct_ref_seq.pdbx_strand_id                P 
_struct_ref_seq.seq_align_beg                 1 
_struct_ref_seq.pdbx_seq_align_beg_ins_code   ? 
_struct_ref_seq.seq_align_end                 152 
_struct_ref_seq.pdbx_seq_align_end_ins_code   ? 
_struct_ref_seq.pdbx_db_accession             5LIJ 
_struct_ref_seq.db_align_beg                  1 
_struct_ref_seq.pdbx_db_align_beg_ins_code    ? 
_struct_ref_seq.db_align_end                  152 
_struct_ref_seq.pdbx_db_align_end_ins_code    ? 
_struct_ref_seq.pdbx_auth_seq_align_beg       1 
_struct_ref_seq.pdbx_auth_seq_align_end       152 
# 
_pdbx_struct_assembly.id                   1 
_pdbx_struct_assembly.details              author_defined_assembly 
_pdbx_struct_assembly.method_details       ? 
_pdbx_struct_assembly.oligomeric_details   monomeric 
_pdbx_struct_assembly.oligomeric_count     1 
# 
loop_
_pdbx_struct_assembly_prop.biol_id 
_pdbx_struct_assembly_prop.type 
_pdbx_struct_assembly_prop.value 
_pdbx_struct_assembly_prop.details 
1 'ABSA (A^2)' 0    ? 
1 MORE         0    ? 
1 'SSA (A^2)'  9430 ? 
# 
_pdbx_struct_assembly_gen.assembly_id       1 
_pdbx_struct_assembly_gen.oper_expression   1 
_pdbx_struct_assembly_gen.asym_id_list      A 
# 
_pdbx_struct_oper_list.id                   1 
_pdbx_struct_oper_list.type                 'identity operation' 
_pdbx_struct_oper_list.name                 1_555 
_pdbx_struct_oper_list.symmetry_operation   x,y,z 
_pdbx_struct_oper_list.matrix[1][1]         1.0000000000 
_pdbx_struct_oper_list.matrix[1][2]         0.0000000000 
_pdbx_struct_oper_list.matrix[1][3]         0.0000000000 
_pdbx_struct_oper_list.vector[1]            0.0000000000 
_pdbx_struct_oper_list.matrix[2][1]         0.0000000000 
_pdbx_struct_oper_list.matrix[2][2]         1.0000000000 
_pdbx_struct_oper_list.matrix[2][3]         0.0000000000 
_pdbx_struct_oper_list.vector[2]            0.0000000000 
_pdbx_struct_oper_list.matrix[3][1]         0.0000000000 
_pdbx_struct_oper_list.matrix[3][2]         0.0000000000 
_pdbx_struct_oper_list.matrix[3][3]         1.0000000000 
_pdbx_struct_oper_list.vector[3]            0.0000000000 
# 
loop_
_struct_conf.conf_type_id 
_struct_conf.id 
_struct_conf.pdbx_PDB_helix_id 
_struct_conf.beg_label_comp_id 
_struct_conf.beg_label_asym_id 
_struct_conf.beg_label_seq_id 
_struct_conf.pdbx_beg_PDB_ins_code 
_struct_conf.end_label_comp_id 
_struct_conf.end_label_asym_id 
_struct_conf.end_label_seq_id 
_struct_conf.pdbx_end_PDB_ins_code 
_struct_conf.beg_auth_comp_id 
_struct_conf.beg_auth_asym_id 
_struct_conf.beg_auth_seq_id 
_struct_conf.end_auth_comp_id 
_struct_conf.end_auth_asym_id 
_struct_conf.end_auth_seq_id 
_struct_conf.pdbx_PDB_helix_class 
_struct_conf.details 
_struct_conf.pdbx_PDB_helix_length 
HELX_P HELX_P1 AA1 ALA A 42  ? ALA A 56  ? ALA P 42  ALA P 56  1 ? 15 
HELX_P HELX_P2 AA2 ALA A 142 ? ALA A 148 ? ALA P 142 ALA P 148 5 ? 7  
# 
_struct_conf_type.id          HELX_P 
_struct_conf_type.criteria    ? 
_struct_conf_type.reference   ? 
# 
loop_
_struct_sheet.id 
_struct_sheet.type 
_struct_sheet.number_strands 
_struct_sheet.details 
AA1 ? 2 ? 
AA2 ? 4 ? 
# 
loop_
_struct_sheet_order.sheet_id 
_struct_sheet_order.range_id_1 
_struct_sheet_order.range_id_2 
_struct_sheet_order.offset 
_struct_sheet_order.sense 
AA1 1 2 ? parallel      
AA2 1 2 ? anti-parallel 
AA2 2 3 ? anti-parallel 
AA2 3 4 ? anti-parallel 
# 
loop_
_struct_sheet_range.sheet_id 
_struct_sheet_range.id 
_struct_sheet_range.beg_label_comp_id 
_struct_sheet_range.beg_label_asym_id 
_struct_sheet_range.beg_label_seq_id 
_struct_sheet_range.pdbx_beg_PDB_ins_code 
_struct_sheet_range.end_label_comp_id 
_struct_sheet_range.end_label_asym_id 
_struct_sheet_range.end_label_seq_id 
_struct_sheet_range.pdbx_end_PDB_ins_code 
_struct_sheet_range.beg_auth_comp_id 
_struct_sheet_range.beg_auth_asym_id 
_struct_sheet_range.beg_auth_seq_id 
_struct_sheet_range.end_auth_comp_id 
_struct_sheet_range.end_auth_asym_id 
_struct_sheet_range.end_auth_seq_id 
AA1 1 ALA A 12  ? ALA A 13  ? ALA P 12  ALA P 13  
AA1 2 ALA A 95  ? ALA A 96  ? ALA P 95  ALA P 96  
AA2 1 ALA A 21  ? ALA A 23  ? ALA P 21  ALA P 23  
AA2 2 ALA A 132 ? ALA A 135 ? ALA P 132 ALA P 135 
AA2 3 ALA A 114 ? ALA A 118 ? ALA P 114 ALA P 118 
AA2 4 ALA A 104 ? ALA A 106 ? ALA P 104 ALA P 106 
# 
loop_
_pdbx_struct_sheet_hbond.sheet_id 
_pdbx_struct_sheet_hbond.range_id_1 
_pdbx_struct_sheet_hbond.range_id_2 
_pdbx_struct_sheet_hbond.range_1_label_atom_id 
_pdbx_struct_sheet_hbond.range_1_label_comp_id 
_pdbx_struct_sheet_hbond.range_1_label_asym_id 
_pdbx_struct_sheet_hbond.range_1_label_seq_id 
_pdbx_struct_sheet_hbond.range_1_PDB_ins_code 
_pdbx_struct_sheet_hbond.range_1_auth_atom_id 
_pdbx_struct_sheet_hbond.range_1_auth_comp_id 
_pdbx_struct_sheet_hbond.range_1_auth_asym_id 
_pdbx_struct_sheet_hbond.range_1_auth_seq_id 
_pdbx_struct_sheet_hbond.range_2_label_atom_id 
_pdbx_struct_sheet_hbond.range_2_label_comp_id 
_pdbx_struct_sheet_hbond.range_2_label_asym_id 
_pdbx_struct_sheet_hbond.range_2_label_seq_id 
_pdbx_struct_sheet_hbond.range_2_PDB_ins_code 
_pdbx_struct_sheet_hbond.range_2_auth_atom_id 
_pdbx_struct_sheet_hbond.range_2_auth_comp_id 
_pdbx_struct_sheet_hbond.range_2_auth_asym_id 
_pdbx_struct_sheet_hbond.range_2_auth_seq_id 
AA1 1 2 N ALA A 13  ? N ALA P 13  O ALA A 95  ? O ALA P 95  
AA2 1 2 N ALA A 22  ? N ALA P 22  O ALA A 134 ? O ALA P 134 
AA2 2 3 O ALA A 135 ? O ALA P 135 N ALA A 115 ? N ALA P 115 
AA2 3 4 O ALA A 114 ? O ALA P 114 N ALA A 106 ? N ALA P 106 
# 
loop_
_pdbx_validate_rmsd_angle.id 
_pdbx_validate_rmsd_angle.PDB_model_num 
_pdbx_validate_rmsd_angle.auth_atom_id_1 
_pdbx_validate_rmsd_angle.auth_asym_id_1 
_pdbx_validate_rmsd_angle.auth_comp_id_1 
_pdbx_validate_rmsd_angle.auth_seq_id_1 
_pdbx_validate_rmsd_angle.PDB_ins_code_1 
_pdbx_validate_rmsd_angle.label_alt_id_1 
_pdbx_validate_rmsd_angle.auth_atom_id_2 
_pdbx_validate_rmsd_angle.auth_asym_id_2 
_pdbx_validate_rmsd_angle.auth_comp_id_2 
_pdbx_validate_rmsd_angle.auth_seq_id_2 
_pdbx_validate_rmsd_angle.PDB_ins_code_2 
_pdbx_validate_rmsd_angle.label_alt_id_2 
_pdbx_validate_rmsd_angle.auth_atom_id_3 
_pdbx_validate_rmsd_angle.auth_asym_id_3 
_pdbx_validate_rmsd_angle.auth_comp_id_3 
_pdbx_validate_rmsd_angle.auth_seq_id_3 
_pdbx_validate_rmsd_angle.PDB_ins_code_3 
_pdbx_validate_rmsd_angle.label_alt_id_3 
_pdbx_validate_rmsd_angle.angle_value 
_pdbx_validate_rmsd_angle.angle_target_value 
_pdbx_validate_rmsd_angle.angle_deviation 
_pdbx_validate_rmsd_angle.angle_standard_deviation 
_pdbx_validate_rmsd_angle.linker_flag 
1  1 CB P ALA 1   ? ? CA P ALA 1   ? ? C  P ALA 1   ? ? 96.83  110.10 -13.27 1.50 N 
2  1 N  P ALA 2   ? ? CA P ALA 2   ? ? CB P ALA 2   ? ? 100.37 110.10 -9.73  1.40 N 
3  1 N  P ALA 2   ? ? CA P ALA 2   ? ? C  P ALA 2   ? ? 133.83 111.00 22.83  2.70 N 
4  1 N  P ALA 3   ? ? CA P ALA 3   ? ? CB P ALA 3   ? ? 118.88 110.10 8.78   1.40 N 
5  1 N  P ALA 40  ? ? CA P ALA 40  ? ? CB P ALA 40  ? ? 118.93 110.10 8.83   1.40 N 
6  1 CB P ALA 66  ? ? CA P ALA 66  ? ? C  P ALA 66  ? ? 91.02  110.10 -19.08 1.50 N 
7  1 N  P ALA 66  ? ? CA P ALA 66  ? ? C  P ALA 66  ? ? 149.19 111.00 38.19  2.70 N 
8  1 N  P ALA 67  ? ? CA P ALA 67  ? ? CB P ALA 67  ? ? 137.65 110.10 27.55  1.40 N 
9  1 CB P ALA 71  ? ? CA P ALA 71  ? ? C  P ALA 71  ? ? 100.95 110.10 -9.15  1.50 N 
10 1 N  P ALA 88  ? ? CA P ALA 88  ? ? CB P ALA 88  ? ? 119.51 110.10 9.41   1.40 N 
11 1 N  P ALA 124 ? ? CA P ALA 124 ? ? CB P ALA 124 ? ? 94.68  110.10 -15.42 1.40 N 
# 
loop_
_pdbx_validate_torsion.id 
_pdbx_validate_torsion.PDB_model_num 
_pdbx_validate_torsion.auth_comp_id 
_pdbx_validate_torsion.auth_asym_id 
_pdbx_validate_torsion.auth_seq_id 
_pdbx_validate_torsion.PDB_ins_code 
_pdbx_validate_torsion.label_alt_id 
_pdbx_validate_torsion.phi 
_pdbx_validate_torsion.psi 
1  1 ALA P 3   ? ? -179.67 -171.56 
2  1 ALA P 5   ? ? -156.82 -159.66 
3  1 ALA P 8   ? ? -172.93 -164.12 
4  1 ALA P 46  ? ? -56.39  -73.46  
5  1 ALA P 55  ? ? -46.48  -70.38  
6  1 ALA P 59  ? ? -134.13 -65.56  
7  1 ALA P 67  ? ? -145.94 -35.40  
8  1 ALA P 71  ? ? -141.57 -30.85  
9  1 ALA P 82  ? ? 59.24   19.36   
10 1 ALA P 85  ? ? -57.14  -3.13   
11 1 ALA P 109 ? ? -63.21  -176.59 
12 1 ALA P 110 ? ? -65.62  88.70   
13 1 ALA P 111 ? ? -171.37 -162.74 
14 1 ALA P 123 ? ? -140.13 -123.03 
15 1 ALA P 124 ? ? -90.85  -63.68  
16 1 ALA P 138 ? ? -179.57 -175.64 
17 1 ALA P 139 ? ? -127.50 -169.78 
# 
loop_
_pdbx_validate_peptide_omega.id 
_pdbx_validate_peptide_omega.PDB_model_num 
_pdbx_validate_peptide_omega.auth_comp_id_1 
_pdbx_validate_peptide_omega.auth_asym_id_1 
_pdbx_validate_peptide_omega.auth_seq_id_1 
_pdbx_validate_peptide_omega.PDB_ins_code_1 
_pdbx_validate_peptide_omega.label_alt_id_1 
_pdbx_validate_peptide_omega.auth_comp_id_2 
_pdbx_validate_peptide_omega.auth_asym_id_2 
_pdbx_validate_peptide_omega.auth_seq_id_2 
_pdbx_validate_peptide_omega.PDB_ins_code_2 
_pdbx_validate_peptide_omega.label_alt_id_2 
_pdbx_validate_peptide_omega.omega 
1 1 ALA P 32  ? ? ALA P 33  ? ? -149.86 
2 1 ALA P 66  ? ? ALA P 67  ? ? -125.82 
3 1 ALA P 77  ? ? ALA P 78  ? ? -145.27 
4 1 ALA P 78  ? ? ALA P 79  ? ? -149.41 
5 1 ALA P 86  ? ? ALA P 87  ? ? -149.84 
6 1 ALA P 98  ? ? ALA P 99  ? ? -142.61 
7 1 ALA P 125 ? ? ALA P 126 ? ? -143.53 
8 1 ALA P 130 ? ? ALA P 131 ? ? -134.27 
9 1 ALA P 142 ? ? ALA P 143 ? ? -143.48 
# 
_em_3d_reconstruction.entry_id                    5LIJ 
_em_3d_reconstruction.id                          1 
_em_3d_reconstruction.algorithm                   'FOURIER SPACE' 
_em_3d_reconstruction.details                     ? 
_em_3d_reconstruction.image_processing_id         1 
_em_3d_reconstruction.num_class_averages          ? 
_em_3d_reconstruction.num_particles               12018 
_em_3d_reconstruction.resolution                  4.2 
_em_3d_reconstruction.resolution_method           'FSC 0.143 CUT-OFF' 
_em_3d_reconstruction.symmetry_type               HELICAL 
_em_3d_reconstruction.method                      ? 
_em_3d_reconstruction.nominal_pixel_size          ? 
_em_3d_reconstruction.actual_pixel_size           ? 
_em_3d_reconstruction.magnification_calibration   ? 
_em_3d_reconstruction.citation_id                 ? 
_em_3d_reconstruction.euler_angles_details        ? 
# 
_em_buffer.id            1 
_em_buffer.details       ? 
_em_buffer.pH            8.0 
_em_buffer.specimen_id   1 
_em_buffer.name          ? 
# 
_em_entity_assembly.id                   1 
_em_entity_assembly.parent_id            0 
_em_entity_assembly.details              ? 
_em_entity_assembly.name                 'Staphylococcus phage 812' 
_em_entity_assembly.source               NATURAL 
_em_entity_assembly.type                 VIRUS 
_em_entity_assembly.entity_id_list       1 
_em_entity_assembly.synonym              ? 
_em_entity_assembly.oligomeric_details   ? 
# 
_em_image_scans.entry_id                5LIJ 
_em_image_scans.id                      1 
_em_image_scans.dimension_height        ? 
_em_image_scans.dimension_width         ? 
_em_image_scans.frames_per_image        7 
_em_image_scans.image_recording_id      1 
_em_image_scans.sampling_size           ? 
_em_image_scans.scanner_model           ? 
_em_image_scans.used_frames_per_image   ? 
_em_image_scans.number_digital_images   ? 
_em_image_scans.details                 ? 
_em_image_scans.citation_id             ? 
_em_image_scans.od_range                ? 
_em_image_scans.quant_bit_size          ? 
# 
_em_imaging.id                              1 
_em_imaging.entry_id                        5LIJ 
_em_imaging.accelerating_voltage            300 
_em_imaging.alignment_procedure             'COMA FREE' 
_em_imaging.c2_aperture_diameter            100 
_em_imaging.calibrated_defocus_max          ? 
_em_imaging.calibrated_defocus_min          ? 
_em_imaging.calibrated_magnification        ? 
_em_imaging.cryogen                         NITROGEN 
_em_imaging.details                         ? 
_em_imaging.electron_source                 'FIELD EMISSION GUN' 
_em_imaging.illumination_mode               'FLOOD BEAM' 
_em_imaging.microscope_model                'FEI TITAN KRIOS' 
_em_imaging.mode                            'BRIGHT FIELD' 
_em_imaging.nominal_cs                      2.7 
_em_imaging.nominal_defocus_max             ? 
_em_imaging.nominal_defocus_min             ? 
_em_imaging.nominal_magnification           ? 
_em_imaging.recording_temperature_maximum   ? 
_em_imaging.recording_temperature_minimum   ? 
_em_imaging.residual_tilt                   ? 
_em_imaging.specimen_holder_model           'FEI TITAN KRIOS AUTOGRID HOLDER' 
_em_imaging.specimen_id                     1 
_em_imaging.date                            ? 
_em_imaging.temperature                     ? 
_em_imaging.tilt_angle_min                  ? 
_em_imaging.tilt_angle_max                  ? 
_em_imaging.specimen_holder_type            ? 
_em_imaging.citation_id                     ? 
_em_imaging.astigmatism                     ? 
_em_imaging.detector_distance               ? 
_em_imaging.electron_beam_tilt_params       ? 
# 
_em_sample_support.id               1 
_em_sample_support.specimen_id      1 
_em_sample_support.details          ? 
_em_sample_support.grid_material    COPPER 
_em_sample_support.grid_mesh_size   200 
_em_sample_support.grid_type        'Quantifoil R2/1' 
_em_sample_support.method           ? 
_em_sample_support.film_material    ? 
_em_sample_support.citation_id      ? 
# 
_em_virus_entity.entity_assembly_id    1 
_em_virus_entity.empty                 NO 
_em_virus_entity.enveloped             NO 
_em_virus_entity.virus_isolate         SPECIES 
_em_virus_entity.virus_type            VIRION 
_em_virus_entity.id                    1 
_em_virus_entity.virus_host_category   ? 
_em_virus_entity.details               ? 
# 
_em_vitrification.id                    1 
_em_vitrification.specimen_id           1 
_em_vitrification.chamber_temperature   295 
_em_vitrification.cryogen_name          ETHANE 
_em_vitrification.details               ? 
_em_vitrification.humidity              100 
_em_vitrification.instrument            'FEI VITROBOT MARK IV' 
_em_vitrification.entry_id              5LIJ 
_em_vitrification.citation_id           ? 
_em_vitrification.method                ? 
_em_vitrification.temp                  ? 
_em_vitrification.time_resolved_state   ? 
# 
_em_experiment.entry_id                5LIJ 
_em_experiment.id                      1 
_em_experiment.aggregation_state       PARTICLE 
_em_experiment.reconstruction_method   'SINGLE PARTICLE' 
_em_experiment.entity_assembly_id      1 
# 
loop_
_chem_comp_atom.comp_id 
_chem_comp_atom.atom_id 
_chem_comp_atom.type_symbol 
_chem_comp_atom.pdbx_aromatic_flag 
_chem_comp_atom.pdbx_stereo_config 
_chem_comp_atom.pdbx_ordinal 
ALA N   N N N 1  
ALA CA  C N S 2  
ALA C   C N N 3  
ALA O   O N N 4  
ALA CB  C N N 5  
ALA OXT O N N 6  
ALA H   H N N 7  
ALA H2  H N N 8  
ALA HA  H N N 9  
ALA HB1 H N N 10 
ALA HB2 H N N 11 
ALA HB3 H N N 12 
ALA HXT H N N 13 
# 
loop_
_chem_comp_bond.comp_id 
_chem_comp_bond.atom_id_1 
_chem_comp_bond.atom_id_2 
_chem_comp_bond.value_order 
_chem_comp_bond.pdbx_aromatic_flag 
_chem_comp_bond.pdbx_stereo_config 
_chem_comp_bond.pdbx_ordinal 
ALA N   CA  sing N N 1  
ALA N   H   sing N N 2  
ALA N   H2  sing N N 3  
ALA CA  C   sing N N 4  
ALA CA  CB  sing N N 5  
ALA CA  HA  sing N N 6  
ALA C   O   doub N N 7  
ALA C   OXT sing N N 8  
ALA CB  HB1 sing N N 9  
ALA CB  HB2 sing N N 10 
ALA CB  HB3 sing N N 11 
ALA OXT HXT sing N N 12 
# 
loop_
_em_buffer_component.buffer_id 
_em_buffer_component.id 
_em_buffer_component.concentration 
_em_buffer_component.concentration_units 
_em_buffer_component.formula 
_em_buffer_component.name 
1 1 50 mM TrisHCl tris               
1 2 10 mM NaCl    'sodium chloride'  
1 3 10 mM CaCl2   'calcium chloride' 
# 
_em_ctf_correction.id                       1 
_em_ctf_correction.em_image_processing_id   1 
_em_ctf_correction.type                     'PHASE FLIPPING ONLY' 
_em_ctf_correction.details                  ? 
# 
_em_entity_assembly_molwt.entity_assembly_id   1 
_em_entity_assembly_molwt.id                   1 
_em_entity_assembly_molwt.experimental_flag    NO 
_em_entity_assembly_molwt.units                . 
_em_entity_assembly_molwt.value                . 
# 
_em_entity_assembly_naturalsource.id                   2 
_em_entity_assembly_naturalsource.entity_assembly_id   1 
_em_entity_assembly_naturalsource.cell                 ? 
_em_entity_assembly_naturalsource.cellular_location    ? 
_em_entity_assembly_naturalsource.ncbi_tax_id          307898 
_em_entity_assembly_naturalsource.organ                . 
_em_entity_assembly_naturalsource.organelle            ? 
_em_entity_assembly_naturalsource.organism             'Staphylococcus phage 812' 
_em_entity_assembly_naturalsource.strain               K420 
_em_entity_assembly_naturalsource.tissue               ? 
# 
_em_image_processing.id                   1 
_em_image_processing.image_recording_id   1 
_em_image_processing.details              ? 
# 
_em_image_recording.id                            1 
_em_image_recording.imaging_id                    1 
_em_image_recording.avg_electron_dose_per_image   20 
_em_image_recording.average_exposure_time         0.86 
_em_image_recording.details                       ? 
_em_image_recording.detector_mode                 INTEGRATING 
_em_image_recording.film_or_detector_model        'FEI FALCON II (4k x 4k)' 
_em_image_recording.num_diffraction_images        ? 
_em_image_recording.num_grids_imaged              ? 
_em_image_recording.num_real_images               ? 
# 
loop_
_em_software.id 
_em_software.category 
_em_software.details 
_em_software.name 
_em_software.version 
_em_software.image_processing_id 
_em_software.fitting_id 
_em_software.imaging_id 
1  'PARTICLE SELECTION'       ? ?       ? 1 ? ? 
2  'IMAGE ACQUISITION'        ? EPU     ? ? ? 1 
3  MASKING                    ? ?       ? ? ? ? 
4  'CTF CORRECTION'           ? CTFFIND 4 1 ? ? 
5  'CTF CORRECTION'           ? ?       ? 1 ? ? 
6  'LAYERLINE INDEXING'       ? ?       ? ? ? ? 
7  'DIFFRACTION INDEXING'     ? ?       ? ? ? ? 
8  'MODEL FITTING'            ? ?       ? ? ? ? 
9  'MODEL REFINEMENT'         ? ?       ? ? ? ? 
10 OTHER                      ? ?       ? ? ? ? 
11 'INITIAL EULER ASSIGNMENT' ? JALIGN  ? 1 ? ? 
12 'FINAL EULER ASSIGNMENT'   ? JALIGN  ? 1 ? ? 
13 'FINAL EULER ASSIGNMENT'   ? ?       ? 1 ? ? 
14 CLASSIFICATION             ? RELION  ? 1 ? ? 
15 RECONSTRUCTION             ? J3DR    ? 1 ? ? 
# 
_em_specimen.id                      1 
_em_specimen.experiment_id           1 
_em_specimen.concentration           1 
_em_specimen.details                 ? 
_em_specimen.embedding_applied       NO 
_em_specimen.shadowing_applied       NO 
_em_specimen.staining_applied        NO 
_em_specimen.vitrification_applied   YES 
# 
_em_virus_natural_host.id                   1 
_em_virus_natural_host.entity_assembly_id   1 
_em_virus_natural_host.ncbi_tax_id          1280 
_em_virus_natural_host.organism             'Staphylococcus aureus' 
_em_virus_natural_host.strain               ? 
# 
_em_virus_shell.id                   1 
_em_virus_shell.entity_assembly_id   1 
_em_virus_shell.diameter             1100 
_em_virus_shell.name                 ? 
_em_virus_shell.triangulation        16 
# 
_atom_sites.entry_id                    5LIJ 
_atom_sites.fract_transf_matrix[1][1]   1.000000 
_atom_sites.fract_transf_matrix[1][2]   0.000000 
_atom_sites.fract_transf_matrix[1][3]   0.000000 
_atom_sites.fract_transf_matrix[2][1]   0.000000 
_atom_sites.fract_transf_matrix[2][2]   1.000000 
_atom_sites.fract_transf_matrix[2][3]   0.000000 
_atom_sites.fract_transf_matrix[3][1]   0.000000 
_atom_sites.fract_transf_matrix[3][2]   0.000000 
_atom_sites.fract_transf_matrix[3][3]   1.000000 
_atom_sites.fract_transf_vector[1]      0.00000 
_atom_sites.fract_transf_vector[2]      0.00000 
_atom_sites.fract_transf_vector[3]      0.00000 
# 
loop_
_atom_type.symbol 
C 
N 
O 
# 
loop_
_atom_site.group_PDB 
_atom_site.id 
_atom_site.type_symbol 
_atom_site.label_atom_id 
_atom_site.label_alt_id 
_atom_site.label_comp_id 
_atom_site.label_asym_id 
_atom_site.label_entity_id 
_atom_site.label_seq_id 
_atom_site.pdbx_PDB_ins_code 
_atom_site.Cartn_x 
_atom_site.Cartn_y 
_atom_site.Cartn_z 
_atom_site.occupancy 
_atom_site.B_iso_or_equiv 
_atom_site.pdbx_formal_charge 
_atom_site.auth_seq_id 
_atom_site.auth_comp_id 
_atom_site.auth_asym_id 
_atom_site.auth_atom_id 
_atom_site.pdbx_PDB_model_num 
ATOM 1   N N   . ALA A 1 1   ? -1.801  5.725   -22.094 1.00 1.00   ? 1   ALA P N   1 
ATOM 2   C CA  . ALA A 1 1   ? -1.205  5.620   -20.778 1.00 1.00   ? 1   ALA P CA  1 
ATOM 3   C C   . ALA A 1 1   ? -1.832  6.426   -19.669 1.00 1.00   ? 1   ALA P C   1 
ATOM 4   O O   . ALA A 1 1   ? -2.103  7.595   -19.854 1.00 1.00   ? 1   ALA P O   1 
ATOM 5   C CB  . ALA A 1 1   ? 0.116   6.289   -20.757 1.00 1.00   ? 1   ALA P CB  1 
ATOM 6   N N   . ALA A 1 2   ? -2.121  5.801   -18.533 1.00 2.00   ? 2   ALA P N   1 
ATOM 7   C CA  . ALA A 1 2   ? -2.642  6.532   -17.385 1.00 2.00   ? 2   ALA P CA  1 
ATOM 8   C C   . ALA A 1 2   ? -2.004  7.428   -16.322 1.00 2.00   ? 2   ALA P C   1 
ATOM 9   O O   . ALA A 1 2   ? -2.365  8.600   -16.219 1.00 2.00   ? 2   ALA P O   1 
ATOM 10  C CB  . ALA A 1 2   ? -3.339  5.408   -16.637 1.00 2.00   ? 2   ALA P CB  1 
ATOM 11  N N   . ALA A 1 3   ? -1.019  6.957   -15.555 1.00 3.00   ? 3   ALA P N   1 
ATOM 12  C CA  . ALA A 1 3   ? -0.583  7.710   -14.380 1.00 3.00   ? 3   ALA P CA  1 
ATOM 13  C C   . ALA A 1 3   ? 0.550   6.950   -13.703 1.00 3.00   ? 3   ALA P C   1 
ATOM 14  O O   . ALA A 1 3   ? 1.057   5.948   -14.207 1.00 3.00   ? 3   ALA P O   1 
ATOM 15  C CB  . ALA A 1 3   ? -1.624  8.132   -13.346 1.00 3.00   ? 3   ALA P CB  1 
ATOM 16  N N   . ALA A 1 4   ? 0.911   7.444   -12.528 1.00 4.00   ? 4   ALA P N   1 
ATOM 17  C CA  . ALA A 1 4   ? 2.205   7.308   -11.879 1.00 4.00   ? 4   ALA P CA  1 
ATOM 18  C C   . ALA A 1 4   ? 2.557   5.874   -11.498 1.00 4.00   ? 4   ALA P C   1 
ATOM 19  O O   . ALA A 1 4   ? 1.741   4.957   -11.559 1.00 4.00   ? 4   ALA P O   1 
ATOM 20  C CB  . ALA A 1 4   ? 2.263   8.176   -10.630 1.00 4.00   ? 4   ALA P CB  1 
ATOM 21  N N   . ALA A 1 5   ? 3.832   5.699   -11.162 1.00 5.00   ? 5   ALA P N   1 
ATOM 22  C CA  . ALA A 1 5   ? 4.476   4.433   -10.836 1.00 5.00   ? 5   ALA P CA  1 
ATOM 23  C C   . ALA A 1 5   ? 5.700   4.738   -9.985  1.00 5.00   ? 5   ALA P C   1 
ATOM 24  O O   . ALA A 1 5   ? 5.775   5.781   -9.337  1.00 5.00   ? 5   ALA P O   1 
ATOM 25  C CB  . ALA A 1 5   ? 4.855   3.652   -12.094 1.00 5.00   ? 5   ALA P CB  1 
ATOM 26  N N   . ALA A 1 6   ? 6.633   3.799   -9.935  1.00 6.00   ? 6   ALA P N   1 
ATOM 27  C CA  . ALA A 1 6   ? 7.873   4.032   -9.212  1.00 6.00   ? 6   ALA P CA  1 
ATOM 28  C C   . ALA A 1 6   ? 8.568   5.305   -9.666  1.00 6.00   ? 6   ALA P C   1 
ATOM 29  O O   . ALA A 1 6   ? 8.657   5.581   -10.861 1.00 6.00   ? 6   ALA P O   1 
ATOM 30  C CB  . ALA A 1 6   ? 8.841   2.883   -9.458  1.00 6.00   ? 6   ALA P CB  1 
ATOM 31  N N   . ALA A 1 7   ? 9.082   6.091   -8.694  1.00 7.00   ? 7   ALA P N   1 
ATOM 32  C CA  . ALA A 1 7   ? 9.331   7.519   -8.916  1.00 7.00   ? 7   ALA P CA  1 
ATOM 33  C C   . ALA A 1 7   ? 10.687  8.214   -8.813  1.00 7.00   ? 7   ALA P C   1 
ATOM 34  O O   . ALA A 1 7   ? 10.992  9.027   -9.687  1.00 7.00   ? 7   ALA P O   1 
ATOM 35  C CB  . ALA A 1 7   ? 8.486   8.314   -7.926  1.00 7.00   ? 7   ALA P CB  1 
ATOM 36  N N   . ALA A 1 8   ? 11.481  7.998   -7.771  1.00 8.00   ? 8   ALA P N   1 
ATOM 37  C CA  . ALA A 1 8   ? 12.538  8.943   -7.433  1.00 8.00   ? 8   ALA P CA  1 
ATOM 38  C C   . ALA A 1 8   ? 13.466  8.468   -6.318  1.00 8.00   ? 8   ALA P C   1 
ATOM 39  O O   . ALA A 1 8   ? 13.534  7.286   -5.988  1.00 8.00   ? 8   ALA P O   1 
ATOM 40  C CB  . ALA A 1 8   ? 12.108  10.395  -7.250  1.00 8.00   ? 8   ALA P CB  1 
ATOM 41  N N   . ALA A 1 9   ? 14.216  9.421   -5.770  1.00 9.00   ? 9   ALA P N   1 
ATOM 42  C CA  . ALA A 1 9   ? 15.297  9.218   -4.811  1.00 9.00   ? 9   ALA P CA  1 
ATOM 43  C C   . ALA A 1 9   ? 14.898  8.533   -3.520  1.00 9.00   ? 9   ALA P C   1 
ATOM 44  O O   . ALA A 1 9   ? 14.045  9.029   -2.786  1.00 9.00   ? 9   ALA P O   1 
ATOM 45  C CB  . ALA A 1 9   ? 15.830  10.580  -4.388  1.00 9.00   ? 9   ALA P CB  1 
ATOM 46  N N   . ALA A 1 10  ? 15.563  7.430   -3.202  1.00 10.00  ? 10  ALA P N   1 
ATOM 47  C CA  . ALA A 1 10  ? 15.278  6.709   -1.974  1.00 10.00  ? 10  ALA P CA  1 
ATOM 48  C C   . ALA A 1 10  ? 16.458  5.884   -1.476  1.00 10.00  ? 10  ALA P C   1 
ATOM 49  O O   . ALA A 1 10  ? 17.592  6.043   -1.914  1.00 10.00  ? 10  ALA P O   1 
ATOM 50  C CB  . ALA A 1 10  ? 14.085  5.812   -2.242  1.00 10.00  ? 10  ALA P CB  1 
ATOM 51  N N   . ALA A 1 11  ? 16.158  4.989   -0.535  1.00 11.00  ? 11  ALA P N   1 
ATOM 52  C CA  . ALA A 1 11  ? 17.109  4.051   0.046   1.00 11.00  ? 11  ALA P CA  1 
ATOM 53  C C   . ALA A 1 11  ? 16.660  2.642   -0.292  1.00 11.00  ? 11  ALA P C   1 
ATOM 54  O O   . ALA A 1 11  ? 15.503  2.431   -0.656  1.00 11.00  ? 11  ALA P O   1 
ATOM 55  C CB  . ALA A 1 11  ? 17.213  4.216   1.557   1.00 11.00  ? 11  ALA P CB  1 
ATOM 56  N N   . ALA A 1 12  ? 17.571  1.679   -0.191  1.00 12.00  ? 12  ALA P N   1 
ATOM 57  C CA  . ALA A 1 12  ? 17.368  0.418   -0.885  1.00 12.00  ? 12  ALA P CA  1 
ATOM 58  C C   . ALA A 1 12  ? 17.807  -0.761  -0.029  1.00 12.00  ? 12  ALA P C   1 
ATOM 59  O O   . ALA A 1 12  ? 18.266  -0.605  1.101   1.00 12.00  ? 12  ALA P O   1 
ATOM 60  C CB  . ALA A 1 12  ? 18.130  0.423   -2.206  1.00 12.00  ? 12  ALA P CB  1 
ATOM 61  N N   . ALA A 1 13  ? 17.602  -1.955  -0.577  1.00 13.00  ? 13  ALA P N   1 
ATOM 62  C CA  . ALA A 1 13  ? 18.257  -3.178  -0.142  1.00 13.00  ? 13  ALA P CA  1 
ATOM 63  C C   . ALA A 1 13  ? 18.096  -4.202  -1.262  1.00 13.00  ? 13  ALA P C   1 
ATOM 64  O O   . ALA A 1 13  ? 17.277  -4.017  -2.160  1.00 13.00  ? 13  ALA P O   1 
ATOM 65  C CB  . ALA A 1 13  ? 17.674  -3.684  1.175   1.00 13.00  ? 13  ALA P CB  1 
ATOM 66  N N   . ALA A 1 14  ? 18.901  -5.270  -1.227  1.00 14.00  ? 14  ALA P N   1 
ATOM 67  C CA  . ALA A 1 14  ? 18.619  -6.481  -2.015  1.00 14.00  ? 14  ALA P CA  1 
ATOM 68  C C   . ALA A 1 14  ? 18.862  -7.723  -1.176  1.00 14.00  ? 14  ALA P C   1 
ATOM 69  O O   . ALA A 1 14  ? 20.014  -8.061  -0.898  1.00 14.00  ? 14  ALA P O   1 
ATOM 70  C CB  . ALA A 1 14  ? 19.473  -6.609  -3.266  1.00 14.00  ? 14  ALA P CB  1 
ATOM 71  N N   . ALA A 1 15  ? 17.789  -8.425  -0.832  1.00 15.00  ? 15  ALA P N   1 
ATOM 72  C CA  . ALA A 1 15  ? 17.918  -9.607  0.003   1.00 15.00  ? 15  ALA P CA  1 
ATOM 73  C C   . ALA A 1 15  ? 16.597  -10.352 0.080   1.00 15.00  ? 15  ALA P C   1 
ATOM 74  O O   . ALA A 1 15  ? 15.556  -9.903  -0.404  1.00 15.00  ? 15  ALA P O   1 
ATOM 75  C CB  . ALA A 1 15  ? 18.356  -9.207  1.411   1.00 15.00  ? 15  ALA P CB  1 
ATOM 76  N N   . ALA A 1 16  ? 16.677  -11.510 0.717   1.00 16.00  ? 16  ALA P N   1 
ATOM 77  C CA  . ALA A 1 16  ? 15.496  -12.300 0.998   1.00 16.00  ? 16  ALA P CA  1 
ATOM 78  C C   . ALA A 1 16  ? 15.023  -12.224 2.436   1.00 16.00  ? 16  ALA P C   1 
ATOM 79  O O   . ALA A 1 16  ? 13.840  -11.990 2.698   1.00 16.00  ? 16  ALA P O   1 
ATOM 80  C CB  . ALA A 1 16  ? 15.780  -13.767 0.705   1.00 16.00  ? 16  ALA P CB  1 
ATOM 81  N N   . ALA A 1 17  ? 15.937  -12.408 3.377   1.00 17.00  ? 17  ALA P N   1 
ATOM 82  C CA  . ALA A 1 17  ? 15.590  -12.507 4.788   1.00 17.00  ? 17  ALA P CA  1 
ATOM 83  C C   . ALA A 1 17  ? 15.071  -11.141 5.187   1.00 17.00  ? 17  ALA P C   1 
ATOM 84  O O   . ALA A 1 17  ? 15.743  -10.130 4.994   1.00 17.00  ? 17  ALA P O   1 
ATOM 85  C CB  . ALA A 1 17  ? 16.804  -12.884 5.619   1.00 17.00  ? 17  ALA P CB  1 
ATOM 86  N N   . ALA A 1 18  ? 13.872  -11.116 5.756   1.00 18.00  ? 18  ALA P N   1 
ATOM 87  C CA  . ALA A 1 18  ? 13.142  -9.887  6.024   1.00 18.00  ? 18  ALA P CA  1 
ATOM 88  C C   . ALA A 1 18  ? 12.041  -10.198 7.018   1.00 18.00  ? 18  ALA P C   1 
ATOM 89  O O   . ALA A 1 18  ? 11.985  -11.285 7.597   1.00 18.00  ? 18  ALA P O   1 
ATOM 90  C CB  . ALA A 1 18  ? 12.559  -9.290  4.738   1.00 18.00  ? 18  ALA P CB  1 
ATOM 91  N N   . ALA A 1 19  ? 11.156  -9.244  7.217   1.00 19.00  ? 19  ALA P N   1 
ATOM 92  C CA  . ALA A 1 19  ? 9.945   -9.554  7.935   1.00 19.00  ? 19  ALA P CA  1 
ATOM 93  C C   . ALA A 1 19  ? 9.011   -10.308 7.007   1.00 19.00  ? 19  ALA P C   1 
ATOM 94  O O   . ALA A 1 19  ? 9.313   -10.538 5.839   1.00 19.00  ? 19  ALA P O   1 
ATOM 95  C CB  . ALA A 1 19  ? 9.291   -8.284  8.456   1.00 19.00  ? 19  ALA P CB  1 
ATOM 96  N N   . ALA A 1 20  ? 7.847   -10.671 7.521   1.00 20.00  ? 20  ALA P N   1 
ATOM 97  C CA  . ALA A 1 20  ? 6.817   -11.242 6.680   1.00 20.00  ? 20  ALA P CA  1 
ATOM 98  C C   . ALA A 1 20  ? 6.103   -10.098 5.987   1.00 20.00  ? 20  ALA P C   1 
ATOM 99  O O   . ALA A 1 20  ? 6.571   -8.965  5.972   1.00 20.00  ? 20  ALA P O   1 
ATOM 100 C CB  . ALA A 1 20  ? 5.828   -12.045 7.515   1.00 20.00  ? 20  ALA P CB  1 
ATOM 101 N N   . ALA A 1 21  ? 5.016   -10.398 5.310   1.00 21.00  ? 21  ALA P N   1 
ATOM 102 C CA  . ALA A 1 21  ? 4.103   -9.339  4.934   1.00 21.00  ? 21  ALA P CA  1 
ATOM 103 C C   . ALA A 1 21  ? 2.660   -9.715  5.188   1.00 21.00  ? 21  ALA P C   1 
ATOM 104 O O   . ALA A 1 21  ? 2.171   -10.706 4.649   1.00 21.00  ? 21  ALA P O   1 
ATOM 105 C CB  . ALA A 1 21  ? 4.284   -9.014  3.474   1.00 21.00  ? 21  ALA P CB  1 
ATOM 106 N N   . ALA A 1 22  ? 1.977   -8.912  5.993   1.00 22.00  ? 22  ALA P N   1 
ATOM 107 C CA  . ALA A 1 22  ? 0.526   -8.977  6.020   1.00 22.00  ? 22  ALA P CA  1 
ATOM 108 C C   . ALA A 1 22  ? 0.107   -8.732  4.580   1.00 22.00  ? 22  ALA P C   1 
ATOM 109 O O   . ALA A 1 22  ? 0.542   -7.784  3.928   1.00 22.00  ? 22  ALA P O   1 
ATOM 110 C CB  . ALA A 1 22  ? -0.053  -7.953  6.978   1.00 22.00  ? 22  ALA P CB  1 
ATOM 111 N N   . ALA A 1 23  ? -0.710  -9.635  4.055   1.00 23.00  ? 23  ALA P N   1 
ATOM 112 C CA  . ALA A 1 23  ? -1.028  -9.585  2.636   1.00 23.00  ? 23  ALA P CA  1 
ATOM 113 C C   . ALA A 1 23  ? -2.505  -9.576  2.294   1.00 23.00  ? 23  ALA P C   1 
ATOM 114 O O   . ALA A 1 23  ? -3.296  -10.329 2.859   1.00 23.00  ? 23  ALA P O   1 
ATOM 115 C CB  . ALA A 1 23  ? -0.570  -10.860 1.938   1.00 23.00  ? 23  ALA P CB  1 
ATOM 116 N N   . ALA A 1 24  ? -2.875  -8.718  1.359   1.00 24.00  ? 24  ALA P N   1 
ATOM 117 C CA  . ALA A 1 24  ? -4.281  -8.635  1.028   1.00 24.00  ? 24  ALA P CA  1 
ATOM 118 C C   . ALA A 1 24  ? -5.047  -9.678  0.258   1.00 24.00  ? 24  ALA P C   1 
ATOM 119 O O   . ALA A 1 24  ? -6.006  -10.229 0.789   1.00 24.00  ? 24  ALA P O   1 
ATOM 120 C CB  . ALA A 1 24  ? -4.483  -7.351  0.240   1.00 24.00  ? 24  ALA P CB  1 
ATOM 121 N N   . ALA A 1 25  ? -4.653  -10.004 -0.953  1.00 25.00  ? 25  ALA P N   1 
ATOM 122 C CA  . ALA A 1 25  ? -5.377  -11.015 -1.695  1.00 25.00  ? 25  ALA P CA  1 
ATOM 123 C C   . ALA A 1 25  ? -4.640  -12.314 -1.482  1.00 25.00  ? 25  ALA P C   1 
ATOM 124 O O   . ALA A 1 25  ? -3.578  -12.528 -2.062  1.00 25.00  ? 25  ALA P O   1 
ATOM 125 C CB  . ALA A 1 25  ? -5.410  -10.780 -3.195  1.00 25.00  ? 25  ALA P CB  1 
ATOM 126 N N   . ALA A 1 26  ? -5.188  -13.169 -0.640  1.00 26.00  ? 26  ALA P N   1 
ATOM 127 C CA  . ALA A 1 26  ? -4.534  -14.426 -0.355  1.00 26.00  ? 26  ALA P CA  1 
ATOM 128 C C   . ALA A 1 26  ? -4.510  -15.473 -1.448  1.00 26.00  ? 26  ALA P C   1 
ATOM 129 O O   . ALA A 1 26  ? -3.437  -15.898 -1.869  1.00 26.00  ? 26  ALA P O   1 
ATOM 130 C CB  . ALA A 1 26  ? -5.183  -15.038 0.887   1.00 26.00  ? 26  ALA P CB  1 
ATOM 131 N N   . ALA A 1 27  ? -5.675  -15.913 -1.903  1.00 27.00  ? 27  ALA P N   1 
ATOM 132 C CA  . ALA A 1 27  ? -5.760  -17.039 -2.823  1.00 27.00  ? 27  ALA P CA  1 
ATOM 133 C C   . ALA A 1 27  ? -6.567  -16.647 -4.054  1.00 27.00  ? 27  ALA P C   1 
ATOM 134 O O   . ALA A 1 27  ? -7.787  -16.487 -3.986  1.00 27.00  ? 27  ALA P O   1 
ATOM 135 C CB  . ALA A 1 27  ? -6.358  -18.259 -2.144  1.00 27.00  ? 27  ALA P CB  1 
ATOM 136 N N   . ALA A 1 28  ? -5.879  -16.498 -5.178  1.00 28.00  ? 28  ALA P N   1 
ATOM 137 C CA  . ALA A 1 28  ? -6.480  -16.603 -6.497  1.00 28.00  ? 28  ALA P CA  1 
ATOM 138 C C   . ALA A 1 28  ? -7.619  -15.623 -6.743  1.00 28.00  ? 28  ALA P C   1 
ATOM 139 O O   . ALA A 1 28  ? -8.472  -15.870 -7.590  1.00 28.00  ? 28  ALA P O   1 
ATOM 140 C CB  . ALA A 1 28  ? -6.976  -18.023 -6.746  1.00 28.00  ? 28  ALA P CB  1 
ATOM 141 N N   . ALA A 1 29  ? -7.687  -14.512 -6.036  1.00 29.00  ? 29  ALA P N   1 
ATOM 142 C CA  . ALA A 1 29  ? -8.566  -13.438 -6.476  1.00 29.00  ? 29  ALA P CA  1 
ATOM 143 C C   . ALA A 1 29  ? -7.826  -12.121 -6.317  1.00 29.00  ? 29  ALA P C   1 
ATOM 144 O O   . ALA A 1 29  ? -7.620  -11.665 -5.191  1.00 29.00  ? 29  ALA P O   1 
ATOM 145 C CB  . ALA A 1 29  ? -9.866  -13.441 -5.685  1.00 29.00  ? 29  ALA P CB  1 
ATOM 146 N N   . ALA A 1 30  ? -7.492  -11.476 -7.428  1.00 30.00  ? 30  ALA P N   1 
ATOM 147 C CA  . ALA A 1 30  ? -6.710  -10.252 -7.383  1.00 30.00  ? 30  ALA P CA  1 
ATOM 148 C C   . ALA A 1 30  ? -7.448  -9.171  -8.135  1.00 30.00  ? 30  ALA P C   1 
ATOM 149 O O   . ALA A 1 30  ? -8.289  -9.456  -8.985  1.00 30.00  ? 30  ALA P O   1 
ATOM 150 C CB  . ALA A 1 30  ? -5.322  -10.421 -7.987  1.00 30.00  ? 30  ALA P CB  1 
ATOM 151 N N   . ALA A 1 31  ? -7.125  -7.931  -7.839  1.00 31.00  ? 31  ALA P N   1 
ATOM 152 C CA  . ALA A 1 31  ? -8.018  -6.844  -8.186  1.00 31.00  ? 31  ALA P CA  1 
ATOM 153 C C   . ALA A 1 31  ? -7.500  -6.131  -9.420  1.00 31.00  ? 31  ALA P C   1 
ATOM 154 O O   . ALA A 1 31  ? -6.555  -5.353  -9.336  1.00 31.00  ? 31  ALA P O   1 
ATOM 155 C CB  . ALA A 1 31  ? -8.118  -5.899  -7.002  1.00 31.00  ? 31  ALA P CB  1 
ATOM 156 N N   . ALA A 1 32  ? -8.083  -6.422  -10.575 1.00 32.00  ? 32  ALA P N   1 
ATOM 157 C CA  . ALA A 1 32  ? -7.967  -5.564  -11.743 1.00 32.00  ? 32  ALA P CA  1 
ATOM 158 C C   . ALA A 1 32  ? -9.267  -4.914  -12.171 1.00 32.00  ? 32  ALA P C   1 
ATOM 159 O O   . ALA A 1 32  ? -9.274  -4.239  -13.197 1.00 32.00  ? 32  ALA P O   1 
ATOM 160 C CB  . ALA A 1 32  ? -7.390  -6.329  -12.926 1.00 32.00  ? 32  ALA P CB  1 
ATOM 161 N N   . ALA A 1 33  ? -10.358 -5.120  -11.442 1.00 33.00  ? 33  ALA P N   1 
ATOM 162 C CA  . ALA A 1 33  ? -11.693 -5.121  -12.035 1.00 33.00  ? 33  ALA P CA  1 
ATOM 163 C C   . ALA A 1 33  ? -11.948 -3.913  -12.919 1.00 33.00  ? 33  ALA P C   1 
ATOM 164 O O   . ALA A 1 33  ? -11.688 -2.780  -12.526 1.00 33.00  ? 33  ALA P O   1 
ATOM 165 C CB  . ALA A 1 33  ? -12.734 -5.170  -10.928 1.00 33.00  ? 33  ALA P CB  1 
ATOM 166 N N   . ALA A 1 34  ? -12.426 -4.165  -14.133 1.00 34.00  ? 34  ALA P N   1 
ATOM 167 C CA  . ALA A 1 34  ? -12.462 -3.151  -15.174 1.00 34.00  ? 34  ALA P CA  1 
ATOM 168 C C   . ALA A 1 34  ? -13.820 -2.516  -15.410 1.00 34.00  ? 34  ALA P C   1 
ATOM 169 O O   . ALA A 1 34  ? -13.924 -1.629  -16.252 1.00 34.00  ? 34  ALA P O   1 
ATOM 170 C CB  . ALA A 1 34  ? -11.972 -3.744  -16.485 1.00 34.00  ? 34  ALA P CB  1 
ATOM 171 N N   . ALA A 1 35  ? -14.871 -2.950  -14.743 1.00 35.00  ? 35  ALA P N   1 
ATOM 172 C CA  . ALA A 1 35  ? -16.147 -2.338  -15.070 1.00 35.00  ? 35  ALA P CA  1 
ATOM 173 C C   . ALA A 1 35  ? -16.264 -0.969  -14.441 1.00 35.00  ? 35  ALA P C   1 
ATOM 174 O O   . ALA A 1 35  ? -16.570 0.005   -15.126 1.00 35.00  ? 35  ALA P O   1 
ATOM 175 C CB  . ALA A 1 35  ? -17.292 -3.222  -14.615 1.00 35.00  ? 35  ALA P CB  1 
ATOM 176 N N   . ALA A 1 36  ? -16.022 -0.882  -13.139 1.00 36.00  ? 36  ALA P N   1 
ATOM 177 C CA  . ALA A 1 36  ? -15.938 0.389   -12.438 1.00 36.00  ? 36  ALA P CA  1 
ATOM 178 C C   . ALA A 1 36  ? -14.614 1.105   -12.705 1.00 36.00  ? 36  ALA P C   1 
ATOM 179 O O   . ALA A 1 36  ? -14.382 2.176   -12.140 1.00 36.00  ? 36  ALA P O   1 
ATOM 180 C CB  . ALA A 1 36  ? -16.081 0.155   -10.936 1.00 36.00  ? 36  ALA P CB  1 
ATOM 181 N N   . ALA A 1 37  ? -13.751 0.528   -13.559 1.00 37.00  ? 37  ALA P N   1 
ATOM 182 C CA  . ALA A 1 37  ? -12.565 1.173   -14.161 1.00 37.00  ? 37  ALA P CA  1 
ATOM 183 C C   . ALA A 1 37  ? -11.476 1.607   -13.195 1.00 37.00  ? 37  ALA P C   1 
ATOM 184 O O   . ALA A 1 37  ? -10.820 2.622   -13.398 1.00 37.00  ? 37  ALA P O   1 
ATOM 185 C CB  . ALA A 1 37  ? -12.989 2.369   -15.014 1.00 37.00  ? 37  ALA P CB  1 
ATOM 186 N N   . ALA A 1 38  ? -11.235 0.821   -12.161 1.00 38.00  ? 38  ALA P N   1 
ATOM 187 C CA  . ALA A 1 38  ? -10.069 1.093   -11.338 1.00 38.00  ? 38  ALA P CA  1 
ATOM 188 C C   . ALA A 1 38  ? -9.502  -0.219  -10.836 1.00 38.00  ? 38  ALA P C   1 
ATOM 189 O O   . ALA A 1 38  ? -10.246 -1.069  -10.346 1.00 38.00  ? 38  ALA P O   1 
ATOM 190 C CB  . ALA A 1 38  ? -10.425 2.021   -10.182 1.00 38.00  ? 38  ALA P CB  1 
ATOM 191 N N   . ALA A 1 39  ? -8.190  -0.364  -10.914 1.00 39.00  ? 39  ALA P N   1 
ATOM 192 C CA  . ALA A 1 39  ? -7.593  -1.633  -10.537 1.00 39.00  ? 39  ALA P CA  1 
ATOM 193 C C   . ALA A 1 39  ? -6.607  -1.696  -9.390  1.00 39.00  ? 39  ALA P C   1 
ATOM 194 O O   . ALA A 1 39  ? -6.847  -2.414  -8.428  1.00 39.00  ? 39  ALA P O   1 
ATOM 195 C CB  . ALA A 1 39  ? -6.782  -2.202  -11.707 1.00 39.00  ? 39  ALA P CB  1 
ATOM 196 N N   . ALA A 1 40  ? -5.547  -0.918  -9.411  1.00 40.00  ? 40  ALA P N   1 
ATOM 197 C CA  . ALA A 1 40  ? -4.663  -0.930  -8.271  1.00 40.00  ? 40  ALA P CA  1 
ATOM 198 C C   . ALA A 1 40  ? -4.591  0.524   -7.883  1.00 40.00  ? 40  ALA P C   1 
ATOM 199 O O   . ALA A 1 40  ? -3.768  0.870   -7.037  1.00 40.00  ? 40  ALA P O   1 
ATOM 200 C CB  . ALA A 1 40  ? -3.249  -1.477  -8.439  1.00 40.00  ? 40  ALA P CB  1 
ATOM 201 N N   . ALA A 1 41  ? -5.372  1.400   -8.510  1.00 41.00  ? 41  ALA P N   1 
ATOM 202 C CA  . ALA A 1 41  ? -5.392  2.787   -8.066  1.00 41.00  ? 41  ALA P CA  1 
ATOM 203 C C   . ALA A 1 41  ? -6.197  3.019   -6.801  1.00 41.00  ? 41  ALA P C   1 
ATOM 204 O O   . ALA A 1 41  ? -5.668  3.496   -5.795  1.00 41.00  ? 41  ALA P O   1 
ATOM 205 C CB  . ALA A 1 41  ? -5.966  3.709   -9.145  1.00 41.00  ? 41  ALA P CB  1 
ATOM 206 N N   . ALA A 1 42  ? -7.466  2.642   -6.812  1.00 42.00  ? 42  ALA P N   1 
ATOM 207 C CA  . ALA A 1 42  ? -8.301  3.176   -5.757  1.00 42.00  ? 42  ALA P CA  1 
ATOM 208 C C   . ALA A 1 42  ? -8.461  2.331   -4.510  1.00 42.00  ? 42  ALA P C   1 
ATOM 209 O O   . ALA A 1 42  ? -8.096  2.765   -3.413  1.00 42.00  ? 42  ALA P O   1 
ATOM 210 C CB  . ALA A 1 42  ? -9.741  3.403   -6.207  1.00 42.00  ? 42  ALA P CB  1 
ATOM 211 N N   . ALA A 1 43  ? -8.918  1.105   -4.680  1.00 43.00  ? 43  ALA P N   1 
ATOM 212 C CA  . ALA A 1 43  ? -9.314  0.317   -3.534  1.00 43.00  ? 43  ALA P CA  1 
ATOM 213 C C   . ALA A 1 43  ? -8.008  -0.140  -2.955  1.00 43.00  ? 43  ALA P C   1 
ATOM 214 O O   . ALA A 1 43  ? -7.769  0.036   -1.757  1.00 43.00  ? 43  ALA P O   1 
ATOM 215 C CB  . ALA A 1 43  ? -10.158 -0.891  -3.924  1.00 43.00  ? 43  ALA P CB  1 
ATOM 216 N N   . ALA A 1 44  ? -7.135  -0.634  -3.818  1.00 44.00  ? 44  ALA P N   1 
ATOM 217 C CA  . ALA A 1 44  ? -5.843  -1.120  -3.382  1.00 44.00  ? 44  ALA P CA  1 
ATOM 218 C C   . ALA A 1 44  ? -5.163  -0.100  -2.494  1.00 44.00  ? 44  ALA P C   1 
ATOM 219 O O   . ALA A 1 44  ? -4.788  -0.402  -1.357  1.00 44.00  ? 44  ALA P O   1 
ATOM 220 C CB  . ALA A 1 44  ? -4.983  -1.438  -4.597  1.00 44.00  ? 44  ALA P CB  1 
ATOM 221 N N   . ALA A 1 45  ? -5.014  1.127   -2.985  1.00 45.00  ? 45  ALA P N   1 
ATOM 222 C CA  . ALA A 1 45  ? -4.457  2.154   -2.124  1.00 45.00  ? 45  ALA P CA  1 
ATOM 223 C C   . ALA A 1 45  ? -5.354  2.343   -0.916  1.00 45.00  ? 45  ALA P C   1 
ATOM 224 O O   . ALA A 1 45  ? -4.896  2.292   0.227   1.00 45.00  ? 45  ALA P O   1 
ATOM 225 C CB  . ALA A 1 45  ? -4.274  3.456   -2.891  1.00 45.00  ? 45  ALA P CB  1 
ATOM 226 N N   . ALA A 1 46  ? -6.655  2.475   -1.151  1.00 46.00  ? 46  ALA P N   1 
ATOM 227 C CA  . ALA A 1 46  ? -7.563  2.786   -0.060  1.00 46.00  ? 46  ALA P CA  1 
ATOM 228 C C   . ALA A 1 46  ? -7.466  1.768   1.056   1.00 46.00  ? 46  ALA P C   1 
ATOM 229 O O   . ALA A 1 46  ? -6.879  2.044   2.105   1.00 46.00  ? 46  ALA P O   1 
ATOM 230 C CB  . ALA A 1 46  ? -8.986  2.846   -0.579  1.00 46.00  ? 46  ALA P CB  1 
ATOM 231 N N   . ALA A 1 47  ? -8.001  0.570   0.832   1.00 47.00  ? 47  ALA P N   1 
ATOM 232 C CA  . ALA A 1 47  ? -8.084  -0.400  1.912   1.00 47.00  ? 47  ALA P CA  1 
ATOM 233 C C   . ALA A 1 47  ? -6.753  -0.546  2.609   1.00 47.00  ? 47  ALA P C   1 
ATOM 234 O O   . ALA A 1 47  ? -6.703  -0.742  3.825   1.00 47.00  ? 47  ALA P O   1 
ATOM 235 C CB  . ALA A 1 47  ? -8.549  -1.748  1.389   1.00 47.00  ? 47  ALA P CB  1 
ATOM 236 N N   . ALA A 1 48  ? -5.661  -0.413  1.858   1.00 48.00  ? 48  ALA P N   1 
ATOM 237 C CA  . ALA A 1 48  ? -4.348  -0.485  2.473   1.00 48.00  ? 48  ALA P CA  1 
ATOM 238 C C   . ALA A 1 48  ? -4.282  0.446   3.667   1.00 48.00  ? 48  ALA P C   1 
ATOM 239 O O   . ALA A 1 48  ? -3.759  0.080   4.723   1.00 48.00  ? 48  ALA P O   1 
ATOM 240 C CB  . ALA A 1 48  ? -3.264  -0.154  1.454   1.00 48.00  ? 48  ALA P CB  1 
ATOM 241 N N   . ALA A 1 49  ? -4.875  1.631   3.539   1.00 49.00  ? 49  ALA P N   1 
ATOM 242 C CA  . ALA A 1 49  ? -4.904  2.537   4.676   1.00 49.00  ? 49  ALA P CA  1 
ATOM 243 C C   . ALA A 1 49  ? -5.445  1.836   5.895   1.00 49.00  ? 49  ALA P C   1 
ATOM 244 O O   . ALA A 1 49  ? -4.850  1.902   6.976   1.00 49.00  ? 49  ALA P O   1 
ATOM 245 C CB  . ALA A 1 49  ? -5.759  3.759   4.368   1.00 49.00  ? 49  ALA P CB  1 
ATOM 246 N N   . ALA A 1 50  ? -6.554  1.122   5.721   1.00 50.00  ? 50  ALA P N   1 
ATOM 247 C CA  . ALA A 1 50  ? -7.242  0.535   6.854   1.00 50.00  ? 50  ALA P CA  1 
ATOM 248 C C   . ALA A 1 50  ? -6.270  -0.226  7.726   1.00 50.00  ? 50  ALA P C   1 
ATOM 249 O O   . ALA A 1 50  ? -6.274  -0.082  8.953   1.00 50.00  ? 50  ALA P O   1 
ATOM 250 C CB  . ALA A 1 50  ? -8.365  -0.378  6.379   1.00 50.00  ? 50  ALA P CB  1 
ATOM 251 N N   . ALA A 1 51  ? -5.397  -1.009  7.101   1.00 51.00  ? 51  ALA P N   1 
ATOM 252 C CA  . ALA A 1 51  ? -4.411  -1.733  7.879   1.00 51.00  ? 51  ALA P CA  1 
ATOM 253 C C   . ALA A 1 51  ? -3.694  -0.785  8.820   1.00 51.00  ? 51  ALA P C   1 
ATOM 254 O O   . ALA A 1 51  ? -3.755  -0.946  10.044  1.00 51.00  ? 51  ALA P O   1 
ATOM 255 C CB  . ALA A 1 51  ? -3.431  -2.432  6.949   1.00 51.00  ? 51  ALA P CB  1 
ATOM 256 N N   . ALA A 1 52  ? -3.084  0.259   8.271   1.00 52.00  ? 52  ALA P N   1 
ATOM 257 C CA  . ALA A 1 52  ? -2.540  1.295   9.128   1.00 52.00  ? 52  ALA P CA  1 
ATOM 258 C C   . ALA A 1 52  ? -3.634  1.849   10.013  1.00 52.00  ? 52  ALA P C   1 
ATOM 259 O O   . ALA A 1 52  ? -3.506  1.879   11.239  1.00 52.00  ? 52  ALA P O   1 
ATOM 260 C CB  . ALA A 1 52  ? -1.905  2.393   8.290   1.00 52.00  ? 52  ALA P CB  1 
ATOM 261 N N   . ALA A 1 53  ? -4.752  2.242   9.408   1.00 53.00  ? 53  ALA P N   1 
ATOM 262 C CA  . ALA A 1 53  ? -5.844  2.795   10.198  1.00 53.00  ? 53  ALA P CA  1 
ATOM 263 C C   . ALA A 1 53  ? -6.231  1.853   11.306  1.00 53.00  ? 53  ALA P C   1 
ATOM 264 O O   . ALA A 1 53  ? -6.708  2.285   12.357  1.00 53.00  ? 53  ALA P O   1 
ATOM 265 C CB  . ALA A 1 53  ? -7.052  3.086   9.321   1.00 53.00  ? 53  ALA P CB  1 
ATOM 266 N N   . ALA A 1 54  ? -6.030  0.564   11.093  1.00 54.00  ? 54  ALA P N   1 
ATOM 267 C CA  . ALA A 1 54  ? -6.095  -0.349  12.211  1.00 54.00  ? 54  ALA P CA  1 
ATOM 268 C C   . ALA A 1 54  ? -4.812  -0.296  13.006  1.00 54.00  ? 54  ALA P C   1 
ATOM 269 O O   . ALA A 1 54  ? -4.841  -0.373  14.235  1.00 54.00  ? 54  ALA P O   1 
ATOM 270 C CB  . ALA A 1 54  ? -6.358  -1.762  11.720  1.00 54.00  ? 54  ALA P CB  1 
ATOM 271 N N   . ALA A 1 55  ? -3.681  -0.139  12.324  1.00 55.00  ? 55  ALA P N   1 
ATOM 272 C CA  . ALA A 1 55  ? -2.395  -0.383  12.961  1.00 55.00  ? 55  ALA P CA  1 
ATOM 273 C C   . ALA A 1 55  ? -2.321  0.275   14.324  1.00 55.00  ? 55  ALA P C   1 
ATOM 274 O O   . ALA A 1 55  ? -2.336  -0.399  15.355  1.00 55.00  ? 55  ALA P O   1 
ATOM 275 C CB  . ALA A 1 55  ? -1.265  0.119   12.072  1.00 55.00  ? 55  ALA P CB  1 
ATOM 276 N N   . ALA A 1 56  ? -2.253  1.587   14.358  1.00 56.00  ? 56  ALA P N   1 
ATOM 277 C CA  . ALA A 1 56  ? -2.445  2.213   15.640  1.00 56.00  ? 56  ALA P CA  1 
ATOM 278 C C   . ALA A 1 56  ? -3.860  1.908   16.079  1.00 56.00  ? 56  ALA P C   1 
ATOM 279 O O   . ALA A 1 56  ? -4.810  2.076   15.314  1.00 56.00  ? 56  ALA P O   1 
ATOM 280 C CB  . ALA A 1 56  ? -2.203  3.715   15.564  1.00 56.00  ? 56  ALA P CB  1 
ATOM 281 N N   . ALA A 1 57  ? -3.990  1.381   17.287  1.00 57.00  ? 57  ALA P N   1 
ATOM 282 C CA  . ALA A 1 57  ? -5.306  1.133   17.856  1.00 57.00  ? 57  ALA P CA  1 
ATOM 283 C C   . ALA A 1 57  ? -6.063  2.450   17.975  1.00 57.00  ? 57  ALA P C   1 
ATOM 284 O O   . ALA A 1 57  ? -5.557  3.407   18.567  1.00 57.00  ? 57  ALA P O   1 
ATOM 285 C CB  . ALA A 1 57  ? -5.179  0.468   19.222  1.00 57.00  ? 57  ALA P CB  1 
ATOM 286 N N   . ALA A 1 58  ? -7.282  2.485   17.437  1.00 58.00  ? 58  ALA P N   1 
ATOM 287 C CA  . ALA A 1 58  ? -7.918  3.753   17.103  1.00 58.00  ? 58  ALA P CA  1 
ATOM 288 C C   . ALA A 1 58  ? -7.986  4.666   18.311  1.00 58.00  ? 58  ALA P C   1 
ATOM 289 O O   . ALA A 1 58  ? -8.537  4.309   19.351  1.00 58.00  ? 58  ALA P O   1 
ATOM 290 C CB  . ALA A 1 58  ? -9.317  3.509   16.551  1.00 58.00  ? 58  ALA P CB  1 
ATOM 291 N N   . ALA A 1 59  ? -7.386  5.839   18.164  1.00 59.00  ? 59  ALA P N   1 
ATOM 292 C CA  . ALA A 1 59  ? -7.425  6.897   19.158  1.00 59.00  ? 59  ALA P CA  1 
ATOM 293 C C   . ALA A 1 59  ? -7.726  8.207   18.457  1.00 59.00  ? 59  ALA P C   1 
ATOM 294 O O   . ALA A 1 59  ? -8.780  8.806   18.674  1.00 59.00  ? 59  ALA P O   1 
ATOM 295 C CB  . ALA A 1 59  ? -6.107  6.978   19.917  1.00 59.00  ? 59  ALA P CB  1 
ATOM 296 N N   . ALA A 1 60  ? -6.806  8.656   17.613  1.00 60.00  ? 60  ALA P N   1 
ATOM 297 C CA  . ALA A 1 60  ? -7.079  9.770   16.722  1.00 60.00  ? 60  ALA P CA  1 
ATOM 298 C C   . ALA A 1 60  ? -7.360  9.186   15.350  1.00 60.00  ? 60  ALA P C   1 
ATOM 299 O O   . ALA A 1 60  ? -6.443  8.866   14.593  1.00 60.00  ? 60  ALA P O   1 
ATOM 300 C CB  . ALA A 1 60  ? -5.895  10.728  16.693  1.00 60.00  ? 60  ALA P CB  1 
ATOM 301 N N   . ALA A 1 61  ? -8.634  9.078   15.031  1.00 61.00  ? 61  ALA P N   1 
ATOM 302 C CA  . ALA A 1 61  ? -9.083  8.310   13.894  1.00 61.00  ? 61  ALA P CA  1 
ATOM 303 C C   . ALA A 1 61  ? -9.562  9.151   12.731  1.00 61.00  ? 61  ALA P C   1 
ATOM 304 O O   . ALA A 1 61  ? -9.928  8.596   11.696  1.00 61.00  ? 61  ALA P O   1 
ATOM 305 C CB  . ALA A 1 61  ? -10.186 7.363   14.334  1.00 61.00  ? 61  ALA P CB  1 
ATOM 306 N N   . ALA A 1 62  ? -9.617  10.467  12.873  1.00 62.00  ? 62  ALA P N   1 
ATOM 307 C CA  . ALA A 1 62  ? -10.232 11.299  11.844  1.00 62.00  ? 62  ALA P CA  1 
ATOM 308 C C   . ALA A 1 62  ? -9.472  11.114  10.537  1.00 62.00  ? 62  ALA P C   1 
ATOM 309 O O   . ALA A 1 62  ? -8.253  11.243  10.450  1.00 62.00  ? 62  ALA P O   1 
ATOM 310 C CB  . ALA A 1 62  ? -10.262 12.757  12.265  1.00 62.00  ? 62  ALA P CB  1 
ATOM 311 N N   . ALA A 1 63  ? -10.228 10.799  9.501   1.00 63.00  ? 63  ALA P N   1 
ATOM 312 C CA  . ALA A 1 63  ? -9.624  10.415  8.244   1.00 63.00  ? 63  ALA P CA  1 
ATOM 313 C C   . ALA A 1 63  ? -9.625  11.571  7.262   1.00 63.00  ? 63  ALA P C   1 
ATOM 314 O O   . ALA A 1 63  ? -10.680 11.997  6.795   1.00 63.00  ? 63  ALA P O   1 
ATOM 315 C CB  . ALA A 1 63  ? -10.370 9.226   7.656   1.00 63.00  ? 63  ALA P CB  1 
ATOM 316 N N   . ALA A 1 64  ? -8.442  12.067  6.938   1.00 64.00  ? 64  ALA P N   1 
ATOM 317 C CA  . ALA A 1 64  ? -8.301  12.989  5.821   1.00 64.00  ? 64  ALA P CA  1 
ATOM 318 C C   . ALA A 1 64  ? -8.072  12.137  4.585   1.00 64.00  ? 64  ALA P C   1 
ATOM 319 O O   . ALA A 1 64  ? -7.421  11.096  4.677   1.00 64.00  ? 64  ALA P O   1 
ATOM 320 C CB  . ALA A 1 64  ? -7.147  13.943  6.055   1.00 64.00  ? 64  ALA P CB  1 
ATOM 321 N N   . ALA A 1 65  ? -8.633  12.541  3.456   1.00 65.00  ? 65  ALA P N   1 
ATOM 322 C CA  . ALA A 1 65  ? -8.256  11.999  2.163   1.00 65.00  ? 65  ALA P CA  1 
ATOM 323 C C   . ALA A 1 65  ? -7.477  13.055  1.398   1.00 65.00  ? 65  ALA P C   1 
ATOM 324 O O   . ALA A 1 65  ? -7.450  14.220  1.779   1.00 65.00  ? 65  ALA P O   1 
ATOM 325 C CB  . ALA A 1 65  ? -9.496  11.629  1.356   1.00 65.00  ? 65  ALA P CB  1 
ATOM 326 N N   . ALA A 1 66  ? -6.807  12.673  0.322   1.00 66.00  ? 66  ALA P N   1 
ATOM 327 C CA  . ALA A 1 66  ? -6.139  13.725  -0.404  1.00 66.00  ? 66  ALA P CA  1 
ATOM 328 C C   . ALA A 1 66  ? -5.834  14.407  -1.727  1.00 66.00  ? 66  ALA P C   1 
ATOM 329 O O   . ALA A 1 66  ? -5.601  15.614  -1.732  1.00 66.00  ? 66  ALA P O   1 
ATOM 330 C CB  . ALA A 1 66  ? -4.642  13.574  -0.106  1.00 66.00  ? 66  ALA P CB  1 
ATOM 331 N N   . ALA A 1 67  ? -5.940  13.702  -2.848  1.00 67.00  ? 67  ALA P N   1 
ATOM 332 C CA  . ALA A 1 67  ? -4.792  13.654  -3.749  1.00 67.00  ? 67  ALA P CA  1 
ATOM 333 C C   . ALA A 1 67  ? -5.288  13.593  -5.184  1.00 67.00  ? 67  ALA P C   1 
ATOM 334 O O   . ALA A 1 67  ? -4.628  14.168  -6.047  1.00 67.00  ? 67  ALA P O   1 
ATOM 335 C CB  . ALA A 1 67  ? -3.380  13.064  -3.750  1.00 67.00  ? 67  ALA P CB  1 
ATOM 336 N N   . ALA A 1 68  ? -6.384  12.934  -5.501  1.00 68.00  ? 68  ALA P N   1 
ATOM 337 C CA  . ALA A 1 68  ? -6.611  12.735  -6.922  1.00 68.00  ? 68  ALA P CA  1 
ATOM 338 C C   . ALA A 1 68  ? -7.239  13.994  -7.482  1.00 68.00  ? 68  ALA P C   1 
ATOM 339 O O   . ALA A 1 68  ? -7.397  14.998  -6.789  1.00 68.00  ? 68  ALA P O   1 
ATOM 340 C CB  . ALA A 1 68  ? -7.484  11.510  -7.189  1.00 68.00  ? 68  ALA P CB  1 
ATOM 341 N N   . ALA A 1 69  ? -7.573  13.945  -8.751  1.00 69.00  ? 69  ALA P N   1 
ATOM 342 C CA  . ALA A 1 69  ? -8.529  14.861  -9.336  1.00 69.00  ? 69  ALA P CA  1 
ATOM 343 C C   . ALA A 1 69  ? -9.305  14.080  -10.382 1.00 69.00  ? 69  ALA P C   1 
ATOM 344 O O   . ALA A 1 69  ? -8.778  13.160  -11.006 1.00 69.00  ? 69  ALA P O   1 
ATOM 345 C CB  . ALA A 1 69  ? -7.828  16.084  -9.911  1.00 69.00  ? 69  ALA P CB  1 
ATOM 346 N N   . ALA A 1 70  ? -10.555 14.452  -10.599 1.00 70.00  ? 70  ALA P N   1 
ATOM 347 C CA  . ALA A 1 70  ? -11.492 13.546  -11.234 1.00 70.00  ? 70  ALA P CA  1 
ATOM 348 C C   . ALA A 1 70  ? -11.409 13.720  -12.733 1.00 70.00  ? 70  ALA P C   1 
ATOM 349 O O   . ALA A 1 70  ? -11.842 14.740  -13.269 1.00 70.00  ? 70  ALA P O   1 
ATOM 350 C CB  . ALA A 1 70  ? -12.915 13.804  -10.753 1.00 70.00  ? 70  ALA P CB  1 
ATOM 351 N N   . ALA A 1 71  ? -10.825 12.730  -13.388 1.00 71.00  ? 71  ALA P N   1 
ATOM 352 C CA  . ALA A 1 71  ? -10.894 12.459  -14.811 1.00 71.00  ? 71  ALA P CA  1 
ATOM 353 C C   . ALA A 1 71  ? -10.977 10.990  -15.152 1.00 71.00  ? 71  ALA P C   1 
ATOM 354 O O   . ALA A 1 71  ? -11.454 10.615  -16.220 1.00 71.00  ? 71  ALA P O   1 
ATOM 355 C CB  . ALA A 1 71  ? -9.600  12.844  -15.507 1.00 71.00  ? 71  ALA P CB  1 
ATOM 356 N N   . ALA A 1 72  ? -10.366 10.182  -14.300 1.00 72.00  ? 72  ALA P N   1 
ATOM 357 C CA  . ALA A 1 72  ? -10.594 8.758   -14.188 1.00 72.00  ? 72  ALA P CA  1 
ATOM 358 C C   . ALA A 1 72  ? -10.401 8.532   -12.701 1.00 72.00  ? 72  ALA P C   1 
ATOM 359 O O   . ALA A 1 72  ? -10.331 9.485   -11.928 1.00 72.00  ? 72  ALA P O   1 
ATOM 360 C CB  . ALA A 1 72  ? -9.672  7.875   -15.024 1.00 72.00  ? 72  ALA P CB  1 
ATOM 361 N N   . ALA A 1 73  ? -10.337 7.274   -12.291 1.00 73.00  ? 73  ALA P N   1 
ATOM 362 C CA  . ALA A 1 73  ? -10.384 6.912   -10.879 1.00 73.00  ? 73  ALA P CA  1 
ATOM 363 C C   . ALA A 1 73  ? -8.991  6.786   -10.253 1.00 73.00  ? 73  ALA P C   1 
ATOM 364 O O   . ALA A 1 73  ? -8.163  5.984   -10.706 1.00 73.00  ? 73  ALA P O   1 
ATOM 365 C CB  . ALA A 1 73  ? -11.158 5.608   -10.708 1.00 73.00  ? 73  ALA P CB  1 
ATOM 366 N N   . ALA A 1 74  ? -8.753  7.583   -9.201  1.00 74.00  ? 74  ALA P N   1 
ATOM 367 C CA  . ALA A 1 74  ? -7.691  7.404   -8.211  1.00 74.00  ? 74  ALA P CA  1 
ATOM 368 C C   . ALA A 1 74  ? -8.074  8.153   -6.939  1.00 74.00  ? 74  ALA P C   1 
ATOM 369 O O   . ALA A 1 74  ? -8.997  8.969   -6.929  1.00 74.00  ? 74  ALA P O   1 
ATOM 370 C CB  . ALA A 1 74  ? -6.335  7.881   -8.718  1.00 74.00  ? 74  ALA P CB  1 
ATOM 371 N N   . ALA A 1 75  ? -7.375  7.829   -5.856  1.00 75.00  ? 75  ALA P N   1 
ATOM 372 C CA  . ALA A 1 75  ? -7.541  8.457   -4.544  1.00 75.00  ? 75  ALA P CA  1 
ATOM 373 C C   . ALA A 1 75  ? -6.217  8.324   -3.807  1.00 75.00  ? 75  ALA P C   1 
ATOM 374 O O   . ALA A 1 75  ? -5.196  7.973   -4.400  1.00 75.00  ? 75  ALA P O   1 
ATOM 375 C CB  . ALA A 1 75  ? -8.700  7.839   -3.755  1.00 75.00  ? 75  ALA P CB  1 
ATOM 376 N N   . ALA A 1 76  ? -6.206  8.621   -2.516  1.00 76.00  ? 76  ALA P N   1 
ATOM 377 C CA  . ALA A 1 76  ? -4.917  8.668   -1.846  1.00 76.00  ? 76  ALA P CA  1 
ATOM 378 C C   . ALA A 1 76  ? -5.027  8.409   -0.360  1.00 76.00  ? 76  ALA P C   1 
ATOM 379 O O   . ALA A 1 76  ? -6.106  8.150   0.171   1.00 76.00  ? 76  ALA P O   1 
ATOM 380 C CB  . ALA A 1 76  ? -4.256  10.013  -2.072  1.00 76.00  ? 76  ALA P CB  1 
ATOM 381 N N   . ALA A 1 77  ? -3.897  8.542   0.316   1.00 77.00  ? 77  ALA P N   1 
ATOM 382 C CA  . ALA A 1 77  ? -3.608  7.784   1.517   1.00 77.00  ? 77  ALA P CA  1 
ATOM 383 C C   . ALA A 1 77  ? -3.916  8.512   2.799   1.00 77.00  ? 77  ALA P C   1 
ATOM 384 O O   . ALA A 1 77  ? -3.641  7.973   3.868   1.00 77.00  ? 77  ALA P O   1 
ATOM 385 C CB  . ALA A 1 77  ? -2.142  7.400   1.523   1.00 77.00  ? 77  ALA P CB  1 
ATOM 386 N N   . ALA A 1 78  ? -4.494  9.699   2.725   1.00 78.00  ? 78  ALA P N   1 
ATOM 387 C CA  . ALA A 1 78  ? -4.146  10.712  3.704   1.00 78.00  ? 78  ALA P CA  1 
ATOM 388 C C   . ALA A 1 78  ? -4.429  10.222  5.112   1.00 78.00  ? 78  ALA P C   1 
ATOM 389 O O   . ALA A 1 78  ? -5.228  9.319   5.339   1.00 78.00  ? 78  ALA P O   1 
ATOM 390 C CB  . ALA A 1 78  ? -4.887  12.014  3.431   1.00 78.00  ? 78  ALA P CB  1 
ATOM 391 N N   . ALA A 1 79  ? -3.743  10.832  6.059   1.00 79.00  ? 79  ALA P N   1 
ATOM 392 C CA  . ALA A 1 79  ? -3.374  10.137  7.271   1.00 79.00  ? 79  ALA P CA  1 
ATOM 393 C C   . ALA A 1 79  ? -4.585  9.875   8.134   1.00 79.00  ? 79  ALA P C   1 
ATOM 394 O O   . ALA A 1 79  ? -5.689  10.350  7.879   1.00 79.00  ? 79  ALA P O   1 
ATOM 395 C CB  . ALA A 1 79  ? -2.426  10.992  8.095   1.00 79.00  ? 79  ALA P CB  1 
ATOM 396 N N   . ALA A 1 80  ? -4.357  9.153   9.196   1.00 80.00  ? 80  ALA P N   1 
ATOM 397 C CA  . ALA A 1 80  ? -5.289  9.173   10.290  1.00 80.00  ? 80  ALA P CA  1 
ATOM 398 C C   . ALA A 1 80  ? -5.263  10.553  10.940  1.00 80.00  ? 80  ALA P C   1 
ATOM 399 O O   . ALA A 1 80  ? -4.507  11.442  10.547  1.00 80.00  ? 80  ALA P O   1 
ATOM 400 C CB  . ALA A 1 80  ? -4.932  8.093   11.303  1.00 80.00  ? 80  ALA P CB  1 
ATOM 401 N N   . ALA A 1 81  ? -6.123  10.755  11.926  1.00 81.00  ? 81  ALA P N   1 
ATOM 402 C CA  . ALA A 1 81  ? -6.026  11.966  12.716  1.00 81.00  ? 81  ALA P CA  1 
ATOM 403 C C   . ALA A 1 81  ? -4.748  12.019  13.521  1.00 81.00  ? 81  ALA P C   1 
ATOM 404 O O   . ALA A 1 81  ? -4.395  11.058  14.205  1.00 81.00  ? 81  ALA P O   1 
ATOM 405 C CB  . ALA A 1 81  ? -7.200  12.104  13.670  1.00 81.00  ? 81  ALA P CB  1 
ATOM 406 N N   . ALA A 1 82  ? -4.035  13.121  13.414  1.00 82.00  ? 82  ALA P N   1 
ATOM 407 C CA  . ALA A 1 82  ? -3.129  13.541  14.468  1.00 82.00  ? 82  ALA P CA  1 
ATOM 408 C C   . ALA A 1 82  ? -2.064  12.510  14.758  1.00 82.00  ? 82  ALA P C   1 
ATOM 409 O O   . ALA A 1 82  ? -1.441  12.522  15.815  1.00 82.00  ? 82  ALA P O   1 
ATOM 410 C CB  . ALA A 1 82  ? -3.910  13.835  15.742  1.00 82.00  ? 82  ALA P CB  1 
ATOM 411 N N   . ALA A 1 83  ? -1.836  11.616  13.834  1.00 83.00  ? 83  ALA P N   1 
ATOM 412 C CA  . ALA A 1 83  ? -0.712  10.720  13.967  1.00 83.00  ? 83  ALA P CA  1 
ATOM 413 C C   . ALA A 1 83  ? 0.397   11.192  13.064  1.00 83.00  ? 83  ALA P C   1 
ATOM 414 O O   . ALA A 1 83  ? 0.347   12.274  12.480  1.00 83.00  ? 83  ALA P O   1 
ATOM 415 C CB  . ALA A 1 83  ? -1.083  9.283   13.614  1.00 83.00  ? 83  ALA P CB  1 
ATOM 416 N N   . ALA A 1 84  ? 1.416   10.351  12.975  1.00 84.00  ? 84  ALA P N   1 
ATOM 417 C CA  . ALA A 1 84  ? 2.337   10.369  11.857  1.00 84.00  ? 84  ALA P CA  1 
ATOM 418 C C   . ALA A 1 84  ? 1.750   9.607   10.677  1.00 84.00  ? 84  ALA P C   1 
ATOM 419 O O   . ALA A 1 84  ? 2.405   9.409   9.651   1.00 84.00  ? 84  ALA P O   1 
ATOM 420 C CB  . ALA A 1 84  ? 3.690   9.816   12.286  1.00 84.00  ? 84  ALA P CB  1 
ATOM 421 N N   . ALA A 1 85  ? 0.481   9.233   10.792  1.00 85.00  ? 85  ALA P N   1 
ATOM 422 C CA  . ALA A 1 85  ? -0.174  8.266   9.930   1.00 85.00  ? 85  ALA P CA  1 
ATOM 423 C C   . ALA A 1 85  ? -0.125  8.638   8.458   1.00 85.00  ? 85  ALA P C   1 
ATOM 424 O O   . ALA A 1 85  ? -0.683  7.908   7.639   1.00 85.00  ? 85  ALA P O   1 
ATOM 425 C CB  . ALA A 1 85  ? -1.612  8.040   10.377  1.00 85.00  ? 85  ALA P CB  1 
ATOM 426 N N   . ALA A 1 86  ? 0.428   9.793   8.103   1.00 86.00  ? 86  ALA P N   1 
ATOM 427 C CA  . ALA A 1 86  ? 0.592   10.067  6.688   1.00 86.00  ? 86  ALA P CA  1 
ATOM 428 C C   . ALA A 1 86  ? 1.126   8.816   6.022   1.00 86.00  ? 86  ALA P C   1 
ATOM 429 O O   . ALA A 1 86  ? 2.125   8.255   6.464   1.00 86.00  ? 86  ALA P O   1 
ATOM 430 C CB  . ALA A 1 86  ? 1.534   11.244  6.477   1.00 86.00  ? 86  ALA P CB  1 
ATOM 431 N N   . ALA A 1 87  ? 0.432   8.345   4.986   1.00 87.00  ? 87  ALA P N   1 
ATOM 432 C CA  . ALA A 1 87  ? 0.451   6.908   4.740   1.00 87.00  ? 87  ALA P CA  1 
ATOM 433 C C   . ALA A 1 87  ? 1.165   6.289   3.548   1.00 87.00  ? 87  ALA P C   1 
ATOM 434 O O   . ALA A 1 87  ? 2.059   5.461   3.724   1.00 87.00  ? 87  ALA P O   1 
ATOM 435 C CB  . ALA A 1 87  ? -0.973  6.389   4.597   1.00 87.00  ? 87  ALA P CB  1 
ATOM 436 N N   . ALA A 1 88  ? 0.853   6.727   2.336   1.00 88.00  ? 88  ALA P N   1 
ATOM 437 C CA  . ALA A 1 88  ? 1.315   6.023   1.146   1.00 88.00  ? 88  ALA P CA  1 
ATOM 438 C C   . ALA A 1 88  ? 2.239   7.003   0.441   1.00 88.00  ? 88  ALA P C   1 
ATOM 439 O O   . ALA A 1 88  ? 3.411   6.692   0.213   1.00 88.00  ? 88  ALA P O   1 
ATOM 440 C CB  . ALA A 1 88  ? 0.291   5.509   0.127   1.00 88.00  ? 88  ALA P CB  1 
ATOM 441 N N   . ALA A 1 89  ? 1.739   8.176   0.086   1.00 89.00  ? 89  ALA P N   1 
ATOM 442 C CA  . ALA A 1 89  ? 2.507   9.078   -0.750  1.00 89.00  ? 89  ALA P CA  1 
ATOM 443 C C   . ALA A 1 89  ? 3.798   9.370   -0.044  1.00 89.00  ? 89  ALA P C   1 
ATOM 444 O O   . ALA A 1 89  ? 3.811   9.791   1.111   1.00 89.00  ? 89  ALA P O   1 
ATOM 445 C CB  . ALA A 1 89  ? 1.740   10.374  -0.987  1.00 89.00  ? 89  ALA P CB  1 
ATOM 446 N N   . ALA A 1 90  ? 4.889   9.101   -0.718  1.00 90.00  ? 90  ALA P N   1 
ATOM 447 C CA  . ALA A 1 90  ? 6.144   9.418   -0.095  1.00 90.00  ? 90  ALA P CA  1 
ATOM 448 C C   . ALA A 1 90  ? 7.067   9.819   -1.219  1.00 90.00  ? 90  ALA P C   1 
ATOM 449 O O   . ALA A 1 90  ? 6.886   9.416   -2.368  1.00 90.00  ? 90  ALA P O   1 
ATOM 450 C CB  . ALA A 1 90  ? 6.600   8.278   0.809   1.00 90.00  ? 90  ALA P CB  1 
ATOM 451 N N   . ALA A 1 91  ? 8.053   10.633  -0.884  1.00 91.00  ? 91  ALA P N   1 
ATOM 452 C CA  . ALA A 1 91  ? 9.147   10.804  -1.817  1.00 91.00  ? 91  ALA P CA  1 
ATOM 453 C C   . ALA A 1 91  ? 9.981   9.550   -1.786  1.00 91.00  ? 91  ALA P C   1 
ATOM 454 O O   . ALA A 1 91  ? 10.102  8.860   -2.798  1.00 91.00  ? 91  ALA P O   1 
ATOM 455 C CB  . ALA A 1 91  ? 10.016  11.971  -1.382  1.00 91.00  ? 91  ALA P CB  1 
ATOM 456 N N   . ALA A 1 92  ? 10.480  9.190   -0.614  1.00 92.00  ? 92  ALA P N   1 
ATOM 457 C CA  . ALA A 1 92  ? 11.300  8.004   -0.521  1.00 92.00  ? 92  ALA P CA  1 
ATOM 458 C C   . ALA A 1 92  ? 10.426  6.843   -0.920  1.00 92.00  ? 92  ALA P C   1 
ATOM 459 O O   . ALA A 1 92  ? 9.376   6.623   -0.319  1.00 92.00  ? 92  ALA P O   1 
ATOM 460 C CB  . ALA A 1 92  ? 11.795  7.821   0.906   1.00 92.00  ? 92  ALA P CB  1 
ATOM 461 N N   . ALA A 1 93  ? 10.840  6.120   -1.953  1.00 93.00  ? 93  ALA P N   1 
ATOM 462 C CA  . ALA A 1 93  ? 10.278  4.818   -2.270  1.00 93.00  ? 93  ALA P CA  1 
ATOM 463 C C   . ALA A 1 93  ? 11.402  3.828   -2.055  1.00 93.00  ? 93  ALA P C   1 
ATOM 464 O O   . ALA A 1 93  ? 12.217  3.613   -2.956  1.00 93.00  ? 93  ALA P O   1 
ATOM 465 C CB  . ALA A 1 93  ? 9.774   4.768   -3.706  1.00 93.00  ? 93  ALA P CB  1 
ATOM 466 N N   . ALA A 1 94  ? 11.401  3.149   -0.914  1.00 94.00  ? 94  ALA P N   1 
ATOM 467 C CA  . ALA A 1 94  ? 12.552  2.332   -0.579  1.00 94.00  ? 94  ALA P CA  1 
ATOM 468 C C   . ALA A 1 94  ? 12.506  1.110   -1.484  1.00 94.00  ? 94  ALA P C   1 
ATOM 469 O O   . ALA A 1 94  ? 11.587  0.302   -1.431  1.00 94.00  ? 94  ALA P O   1 
ATOM 470 C CB  . ALA A 1 94  ? 12.532  1.959   0.892   1.00 94.00  ? 94  ALA P CB  1 
ATOM 471 N N   . ALA A 1 95  ? 13.519  0.985   -2.332  1.00 95.00  ? 95  ALA P N   1 
ATOM 472 C CA  . ALA A 1 95  ? 13.410  0.120   -3.499  1.00 95.00  ? 95  ALA P CA  1 
ATOM 473 C C   . ALA A 1 95  ? 14.363  -1.054  -3.393  1.00 95.00  ? 95  ALA P C   1 
ATOM 474 O O   . ALA A 1 95  ? 15.562  -0.870  -3.182  1.00 95.00  ? 95  ALA P O   1 
ATOM 475 C CB  . ALA A 1 95  ? 13.694  0.900   -4.778  1.00 95.00  ? 95  ALA P CB  1 
ATOM 476 N N   . ALA A 1 96  ? 13.837  -2.255  -3.551  1.00 96.00  ? 96  ALA P N   1 
ATOM 477 C CA  . ALA A 1 96  ? 14.694  -3.419  -3.503  1.00 96.00  ? 96  ALA P CA  1 
ATOM 478 C C   . ALA A 1 96  ? 15.721  -3.201  -4.607  1.00 96.00  ? 96  ALA P C   1 
ATOM 479 O O   . ALA A 1 96  ? 15.427  -2.592  -5.636  1.00 96.00  ? 96  ALA P O   1 
ATOM 480 C CB  . ALA A 1 96  ? 13.869  -4.689  -3.602  1.00 96.00  ? 96  ALA P CB  1 
ATOM 481 N N   . ALA A 1 97  ? 16.937  -3.708  -4.385  1.00 97.00  ? 97  ALA P N   1 
ATOM 482 C CA  . ALA A 1 97  ? 18.094  -3.195  -5.112  1.00 97.00  ? 97  ALA P CA  1 
ATOM 483 C C   . ALA A 1 97  ? 18.097  -3.613  -6.573  1.00 97.00  ? 97  ALA P C   1 
ATOM 484 O O   . ALA A 1 97  ? 18.070  -2.756  -7.461  1.00 97.00  ? 97  ALA P O   1 
ATOM 485 C CB  . ALA A 1 97  ? 19.420  -3.660  -4.525  1.00 97.00  ? 97  ALA P CB  1 
ATOM 486 N N   . ALA A 1 98  ? 18.113  -4.916  -6.851  1.00 98.00  ? 98  ALA P N   1 
ATOM 487 C CA  . ALA A 1 98  ? 18.210  -5.378  -8.230  1.00 98.00  ? 98  ALA P CA  1 
ATOM 488 C C   . ALA A 1 98  ? 16.963  -4.872  -8.947  1.00 98.00  ? 98  ALA P C   1 
ATOM 489 O O   . ALA A 1 98  ? 15.863  -4.828  -8.391  1.00 98.00  ? 98  ALA P O   1 
ATOM 490 C CB  . ALA A 1 98  ? 18.311  -6.899  -8.310  1.00 98.00  ? 98  ALA P CB  1 
ATOM 491 N N   . ALA A 1 99  ? 17.161  -4.468  -10.189 1.00 99.00  ? 99  ALA P N   1 
ATOM 492 C CA  . ALA A 1 99  ? 16.470  -3.323  -10.757 1.00 99.00  ? 99  ALA P CA  1 
ATOM 493 C C   . ALA A 1 99  ? 14.969  -3.119  -10.618 1.00 99.00  ? 99  ALA P C   1 
ATOM 494 O O   . ALA A 1 99  ? 14.558  -2.110  -10.041 1.00 99.00  ? 99  ALA P O   1 
ATOM 495 C CB  . ALA A 1 99  ? 16.727  -3.272  -12.264 1.00 99.00  ? 99  ALA P CB  1 
ATOM 496 N N   . ALA A 1 100 ? 14.146  -4.075  -11.050 1.00 100.00 ? 100 ALA P N   1 
ATOM 497 C CA  . ALA A 1 100 ? 12.752  -3.778  -11.381 1.00 100.00 ? 100 ALA P CA  1 
ATOM 498 C C   . ALA A 1 100 ? 12.003  -3.737  -10.065 1.00 100.00 ? 100 ALA P C   1 
ATOM 499 O O   . ALA A 1 100 ? 10.806  -3.443  -10.033 1.00 100.00 ? 100 ALA P O   1 
ATOM 500 C CB  . ALA A 1 100 ? 12.105  -4.801  -12.309 1.00 100.00 ? 100 ALA P CB  1 
ATOM 501 N N   . ALA A 1 101 ? 12.680  -4.037  -8.973  1.00 101.00 ? 101 ALA P N   1 
ATOM 502 C CA  . ALA A 1 101 ? 11.997  -4.158  -7.705  1.00 101.00 ? 101 ALA P CA  1 
ATOM 503 C C   . ALA A 1 101 ? 11.947  -2.812  -6.997  1.00 101.00 ? 101 ALA P C   1 
ATOM 504 O O   . ALA A 1 101 ? 12.959  -2.329  -6.485  1.00 101.00 ? 101 ALA P O   1 
ATOM 505 C CB  . ALA A 1 101 ? 12.720  -5.187  -6.848  1.00 101.00 ? 101 ALA P CB  1 
ATOM 506 N N   . ALA A 1 102 ? 10.755  -2.224  -6.937  1.00 102.00 ? 102 ALA P N   1 
ATOM 507 C CA  . ALA A 1 102 ? 10.546  -0.934  -6.294  1.00 102.00 ? 102 ALA P CA  1 
ATOM 508 C C   . ALA A 1 102 ? 9.271   -0.985  -5.471  1.00 102.00 ? 102 ALA P C   1 
ATOM 509 O O   . ALA A 1 102 ? 8.185   -1.142  -6.027  1.00 102.00 ? 102 ALA P O   1 
ATOM 510 C CB  . ALA A 1 102 ? 10.459  0.178   -7.335  1.00 102.00 ? 102 ALA P CB  1 
ATOM 511 N N   . ALA A 1 103 ? 9.395   -0.795  -4.162  1.00 103.00 ? 103 ALA P N   1 
ATOM 512 C CA  . ALA A 1 103 ? 8.268   -0.880  -3.244  1.00 103.00 ? 103 ALA P CA  1 
ATOM 513 C C   . ALA A 1 103 ? 8.068   0.444   -2.521  1.00 103.00 ? 103 ALA P C   1 
ATOM 514 O O   . ALA A 1 103 ? 8.936   0.864   -1.754  1.00 103.00 ? 103 ALA P O   1 
ATOM 515 C CB  . ALA A 1 103 ? 8.499   -1.987  -2.227  1.00 103.00 ? 103 ALA P CB  1 
ATOM 516 N N   . ALA A 1 104 ? 6.919   1.084   -2.730  1.00 104.00 ? 104 ALA P N   1 
ATOM 517 C CA  . ALA A 1 104 ? 6.659   2.370   -2.100  1.00 104.00 ? 104 ALA P CA  1 
ATOM 518 C C   . ALA A 1 104 ? 6.356   2.178   -0.618  1.00 104.00 ? 104 ALA P C   1 
ATOM 519 O O   . ALA A 1 104 ? 6.219   1.057   -0.128  1.00 104.00 ? 104 ALA P O   1 
ATOM 520 C CB  . ALA A 1 104 ? 5.519   3.080   -2.811  1.00 104.00 ? 104 ALA P CB  1 
ATOM 521 N N   . ALA A 1 105 ? 6.204   3.274   0.106   1.00 105.00 ? 105 ALA P N   1 
ATOM 522 C CA  . ALA A 1 105 ? 6.235   3.237   1.562   1.00 105.00 ? 105 ALA P CA  1 
ATOM 523 C C   . ALA A 1 105 ? 4.956   3.804   2.145   1.00 105.00 ? 105 ALA P C   1 
ATOM 524 O O   . ALA A 1 105 ? 4.661   4.983   1.975   1.00 105.00 ? 105 ALA P O   1 
ATOM 525 C CB  . ALA A 1 105 ? 7.419   4.014   2.069   1.00 105.00 ? 105 ALA P CB  1 
ATOM 526 N N   . ALA A 1 106 ? 4.210   2.968   2.862   1.00 106.00 ? 106 ALA P N   1 
ATOM 527 C CA  . ALA A 1 106 ? 3.171   3.500   3.725   1.00 106.00 ? 106 ALA P CA  1 
ATOM 528 C C   . ALA A 1 106 ? 3.757   3.771   5.105   1.00 106.00 ? 106 ALA P C   1 
ATOM 529 O O   . ALA A 1 106 ? 4.129   2.854   5.840   1.00 106.00 ? 106 ALA P O   1 
ATOM 530 C CB  . ALA A 1 106 ? 1.982   2.547   3.825   1.00 106.00 ? 106 ALA P CB  1 
ATOM 531 N N   . ALA A 1 107 ? 3.832   5.048   5.458   1.00 107.00 ? 107 ALA P N   1 
ATOM 532 C CA  . ALA A 1 107 ? 4.606   5.520   6.599   1.00 107.00 ? 107 ALA P CA  1 
ATOM 533 C C   . ALA A 1 107 ? 3.845   5.168   7.880   1.00 107.00 ? 107 ALA P C   1 
ATOM 534 O O   . ALA A 1 107 ? 2.800   4.523   7.773   1.00 107.00 ? 107 ALA P O   1 
ATOM 535 C CB  . ALA A 1 107 ? 4.962   6.987   6.407   1.00 107.00 ? 107 ALA P CB  1 
ATOM 536 N N   . ALA A 1 108 ? 4.271   5.597   9.059   1.00 108.00 ? 108 ALA P N   1 
ATOM 537 C CA  . ALA A 1 108 ? 3.879   4.948   10.296  1.00 108.00 ? 108 ALA P CA  1 
ATOM 538 C C   . ALA A 1 108 ? 3.757   6.020   11.355  1.00 108.00 ? 108 ALA P C   1 
ATOM 539 O O   . ALA A 1 108 ? 3.651   7.204   11.044  1.00 108.00 ? 108 ALA P O   1 
ATOM 540 C CB  . ALA A 1 108 ? 4.877   3.880   10.731  1.00 108.00 ? 108 ALA P CB  1 
ATOM 541 N N   . ALA A 1 109 ? 3.705   5.595   12.608  1.00 109.00 ? 109 ALA P N   1 
ATOM 542 C CA  . ALA A 1 109 ? 3.707   6.512   13.732  1.00 109.00 ? 109 ALA P CA  1 
ATOM 543 C C   . ALA A 1 109 ? 5.014   7.286   13.755  1.00 109.00 ? 109 ALA P C   1 
ATOM 544 O O   . ALA A 1 109 ? 5.836   7.172   12.847  1.00 109.00 ? 109 ALA P O   1 
ATOM 545 C CB  . ALA A 1 109 ? 3.530   5.753   15.041  1.00 109.00 ? 109 ALA P CB  1 
ATOM 546 N N   . ALA A 1 110 ? 5.214   8.125   14.763  1.00 110.00 ? 110 ALA P N   1 
ATOM 547 C CA  . ALA A 1 110 ? 6.465   8.849   14.670  1.00 110.00 ? 110 ALA P CA  1 
ATOM 548 C C   . ALA A 1 110 ? 7.695   7.977   14.787  1.00 110.00 ? 110 ALA P C   1 
ATOM 549 O O   . ALA A 1 110 ? 8.243   7.817   15.878  1.00 110.00 ? 110 ALA P O   1 
ATOM 550 C CB  . ALA A 1 110 ? 6.537   9.945   15.718  1.00 110.00 ? 110 ALA P CB  1 
ATOM 551 N N   . ALA A 1 111 ? 8.156   7.462   13.646  1.00 111.00 ? 111 ALA P N   1 
ATOM 552 C CA  . ALA A 1 111 ? 8.848   6.180   13.676  1.00 111.00 ? 111 ALA P CA  1 
ATOM 553 C C   . ALA A 1 111 ? 9.489   5.834   12.342  1.00 111.00 ? 111 ALA P C   1 
ATOM 554 O O   . ALA A 1 111 ? 9.696   6.705   11.493  1.00 111.00 ? 111 ALA P O   1 
ATOM 555 C CB  . ALA A 1 111 ? 7.818   5.127   14.074  1.00 111.00 ? 111 ALA P CB  1 
ATOM 556 N N   . ALA A 1 112 ? 9.823   4.555   12.175  1.00 112.00 ? 112 ALA P N   1 
ATOM 557 C CA  . ALA A 1 112 ? 10.111  3.958   10.878  1.00 112.00 ? 112 ALA P CA  1 
ATOM 558 C C   . ALA A 1 112 ? 8.784   3.415   10.375  1.00 112.00 ? 112 ALA P C   1 
ATOM 559 O O   . ALA A 1 112 ? 7.788   3.419   11.094  1.00 112.00 ? 112 ALA P O   1 
ATOM 560 C CB  . ALA A 1 112 ? 11.146  2.842   10.990  1.00 112.00 ? 112 ALA P CB  1 
ATOM 561 N N   . ALA A 1 113 ? 8.797   2.873   9.160   1.00 113.00 ? 113 ALA P N   1 
ATOM 562 C CA  . ALA A 1 113 ? 7.591   2.753   8.356   1.00 113.00 ? 113 ALA P CA  1 
ATOM 563 C C   . ALA A 1 113 ? 7.544   1.433   7.599   1.00 113.00 ? 113 ALA P C   1 
ATOM 564 O O   . ALA A 1 113 ? 8.515   0.683   7.544   1.00 113.00 ? 113 ALA P O   1 
ATOM 565 C CB  . ALA A 1 113 ? 7.490   3.913   7.367   1.00 113.00 ? 113 ALA P CB  1 
ATOM 566 N N   . ALA A 1 114 ? 6.389   1.153   7.017   1.00 114.00 ? 114 ALA P N   1 
ATOM 567 C CA  . ALA A 1 114 ? 6.182   -0.076  6.275   1.00 114.00 ? 114 ALA P CA  1 
ATOM 568 C C   . ALA A 1 114 ? 6.125   0.207   4.775   1.00 114.00 ? 114 ALA P C   1 
ATOM 569 O O   . ALA A 1 114 ? 6.169   1.356   4.336   1.00 114.00 ? 114 ALA P O   1 
ATOM 570 C CB  . ALA A 1 114 ? 4.918   -0.750  6.776   1.00 114.00 ? 114 ALA P CB  1 
ATOM 571 N N   . ALA A 1 115 ? 5.976   -0.839  3.967   1.00 115.00 ? 115 ALA P N   1 
ATOM 572 C CA  . ALA A 1 115 ? 6.048   -0.703  2.518   1.00 115.00 ? 115 ALA P CA  1 
ATOM 573 C C   . ALA A 1 115 ? 5.055   -1.636  1.846   1.00 115.00 ? 115 ALA P C   1 
ATOM 574 O O   . ALA A 1 115 ? 4.807   -2.735  2.337   1.00 115.00 ? 115 ALA P O   1 
ATOM 575 C CB  . ALA A 1 115 ? 7.449   -1.014  2.016   1.00 115.00 ? 115 ALA P CB  1 
ATOM 576 N N   . ALA A 1 116 ? 4.527   -1.213  0.702   1.00 116.00 ? 116 ALA P N   1 
ATOM 577 C CA  . ALA A 1 116 ? 3.435   -1.915  0.040   1.00 116.00 ? 116 ALA P CA  1 
ATOM 578 C C   . ALA A 1 116 ? 3.702   -2.010  -1.443  1.00 116.00 ? 116 ALA P C   1 
ATOM 579 O O   . ALA A 1 116 ? 3.725   -0.982  -2.121  1.00 116.00 ? 116 ALA P O   1 
ATOM 580 C CB  . ALA A 1 116 ? 2.124   -1.179  0.255   1.00 116.00 ? 116 ALA P CB  1 
ATOM 581 N N   . ALA A 1 117 ? 3.802   -3.234  -1.962  1.00 117.00 ? 117 ALA P N   1 
ATOM 582 C CA  . ALA A 1 117 ? 4.265   -3.463  -3.327  1.00 117.00 ? 117 ALA P CA  1 
ATOM 583 C C   . ALA A 1 117 ? 3.359   -4.413  -4.089  1.00 117.00 ? 117 ALA P C   1 
ATOM 584 O O   . ALA A 1 117 ? 2.860   -5.388  -3.523  1.00 117.00 ? 117 ALA P O   1 
ATOM 585 C CB  . ALA A 1 117 ? 5.681   -4.029  -3.329  1.00 117.00 ? 117 ALA P CB  1 
ATOM 586 N N   . ALA A 1 118 ? 3.173   -4.137  -5.374  1.00 118.00 ? 118 ALA P N   1 
ATOM 587 C CA  . ALA A 1 118 ? 2.456   -5.054  -6.240  1.00 118.00 ? 118 ALA P CA  1 
ATOM 588 C C   . ALA A 1 118 ? 3.206   -6.375  -6.329  1.00 118.00 ? 118 ALA P C   1 
ATOM 589 O O   . ALA A 1 118 ? 4.424   -6.387  -6.480  1.00 118.00 ? 118 ALA P O   1 
ATOM 590 C CB  . ALA A 1 118 ? 2.312   -4.426  -7.620  1.00 118.00 ? 118 ALA P CB  1 
ATOM 591 N N   . ALA A 1 119 ? 2.487   -7.500  -6.228  1.00 119.00 ? 119 ALA P N   1 
ATOM 592 C CA  . ALA A 1 119 ? 3.157   -8.800  -6.281  1.00 119.00 ? 119 ALA P CA  1 
ATOM 593 C C   . ALA A 1 119 ? 3.501   -9.249  -7.692  1.00 119.00 ? 119 ALA P C   1 
ATOM 594 O O   . ALA A 1 119 ? 4.655   -9.560  -7.986  1.00 119.00 ? 119 ALA P O   1 
ATOM 595 C CB  . ALA A 1 119 ? 2.299   -9.888  -5.658  1.00 119.00 ? 119 ALA P CB  1 
ATOM 596 N N   . ALA A 1 120 ? 2.512   -9.291  -8.584  1.00 120.00 ? 120 ALA P N   1 
ATOM 597 C CA  . ALA A 1 120 ? 2.780   -9.513  -10.006 1.00 120.00 ? 120 ALA P CA  1 
ATOM 598 C C   . ALA A 1 120 ? 2.943   -8.110  -10.563 1.00 120.00 ? 120 ALA P C   1 
ATOM 599 O O   . ALA A 1 120 ? 3.016   -7.158  -9.784  1.00 120.00 ? 120 ALA P O   1 
ATOM 600 C CB  . ALA A 1 120 ? 1.613   -10.183 -10.726 1.00 120.00 ? 120 ALA P CB  1 
ATOM 601 N N   . ALA A 1 121 ? 3.072   -7.941  -11.875 1.00 121.00 ? 121 ALA P N   1 
ATOM 602 C CA  . ALA A 1 121 ? 3.035   -6.584  -12.398 1.00 121.00 ? 121 ALA P CA  1 
ATOM 603 C C   . ALA A 1 121 ? 2.040   -6.392  -13.523 1.00 121.00 ? 121 ALA P C   1 
ATOM 604 O O   . ALA A 1 121 ? 1.732   -7.319  -14.272 1.00 121.00 ? 121 ALA P O   1 
ATOM 605 C CB  . ALA A 1 121 ? 4.436   -6.215  -12.874 1.00 121.00 ? 121 ALA P CB  1 
ATOM 606 N N   . ALA A 1 122 ? 1.549   -5.159  -13.624 1.00 122.00 ? 122 ALA P N   1 
ATOM 607 C CA  . ALA A 1 122 ? 0.703   -4.695  -14.714 1.00 122.00 ? 122 ALA P CA  1 
ATOM 608 C C   . ALA A 1 122 ? 0.529   -3.209  -14.498 1.00 122.00 ? 122 ALA P C   1 
ATOM 609 O O   . ALA A 1 122 ? 0.737   -2.703  -13.395 1.00 122.00 ? 122 ALA P O   1 
ATOM 610 C CB  . ALA A 1 122 ? -0.630  -5.421  -14.781 1.00 122.00 ? 122 ALA P CB  1 
ATOM 611 N N   . ALA A 1 123 ? 0.079   -2.526  -15.543 1.00 123.00 ? 123 ALA P N   1 
ATOM 612 C CA  . ALA A 1 123 ? 0.262   -1.089  -15.537 1.00 123.00 ? 123 ALA P CA  1 
ATOM 613 C C   . ALA A 1 123 ? -1.045  -0.604  -16.117 1.00 123.00 ? 123 ALA P C   1 
ATOM 614 O O   . ALA A 1 123 ? -2.110  -0.956  -15.617 1.00 123.00 ? 123 ALA P O   1 
ATOM 615 C CB  . ALA A 1 123 ? 1.342   -0.641  -16.514 1.00 123.00 ? 123 ALA P CB  1 
ATOM 616 N N   . ALA A 1 124 ? -0.999  0.153   -17.202 1.00 124.00 ? 124 ALA P N   1 
ATOM 617 C CA  . ALA A 1 124 ? -2.107  1.068   -17.415 1.00 124.00 ? 124 ALA P CA  1 
ATOM 618 C C   . ALA A 1 124 ? -3.350  0.738   -18.191 1.00 124.00 ? 124 ALA P C   1 
ATOM 619 O O   . ALA A 1 124 ? -4.445  0.669   -17.640 1.00 124.00 ? 124 ALA P O   1 
ATOM 620 C CB  . ALA A 1 124 ? -1.296  2.055   -18.230 1.00 124.00 ? 124 ALA P CB  1 
ATOM 621 N N   . ALA A 1 125 ? -3.189  0.481   -19.465 1.00 125.00 ? 125 ALA P N   1 
ATOM 622 C CA  . ALA A 1 125 ? -4.152  -0.379  -20.095 1.00 125.00 ? 125 ALA P CA  1 
ATOM 623 C C   . ALA A 1 125 ? -3.394  -1.674  -19.885 1.00 125.00 ? 125 ALA P C   1 
ATOM 624 O O   . ALA A 1 125 ? -2.373  -1.904  -20.531 1.00 125.00 ? 125 ALA P O   1 
ATOM 625 C CB  . ALA A 1 125 ? -4.359  -0.031  -21.554 1.00 125.00 ? 125 ALA P CB  1 
ATOM 626 N N   . ALA A 1 126 ? -3.859  -2.479  -18.944 1.00 126.00 ? 126 ALA P N   1 
ATOM 627 C CA  . ALA A 1 126 ? -2.966  -3.260  -18.101 1.00 126.00 ? 126 ALA P CA  1 
ATOM 628 C C   . ALA A 1 126 ? -3.335  -4.744  -18.147 1.00 126.00 ? 126 ALA P C   1 
ATOM 629 O O   . ALA A 1 126 ? -4.429  -5.056  -18.620 1.00 126.00 ? 126 ALA P O   1 
ATOM 630 C CB  . ALA A 1 126 ? -3.030  -2.745  -16.668 1.00 126.00 ? 126 ALA P CB  1 
ATOM 631 N N   . ALA A 1 127 ? -2.490  -5.650  -17.673 1.00 127.00 ? 127 ALA P N   1 
ATOM 632 C CA  . ALA A 1 127 ? -2.661  -7.058  -17.950 1.00 127.00 ? 127 ALA P CA  1 
ATOM 633 C C   . ALA A 1 127 ? -2.827  -8.107  -16.868 1.00 127.00 ? 127 ALA P C   1 
ATOM 634 O O   . ALA A 1 127 ? -3.697  -8.972  -16.967 1.00 127.00 ? 127 ALA P O   1 
ATOM 635 C CB  . ALA A 1 127 ? -1.384  -7.474  -18.673 1.00 127.00 ? 127 ALA P CB  1 
ATOM 636 N N   . ALA A 1 128 ? -2.021  -8.036  -15.823 1.00 128.00 ? 128 ALA P N   1 
ATOM 637 C CA  . ALA A 1 128 ? -1.901  -9.196  -14.969 1.00 128.00 ? 128 ALA P CA  1 
ATOM 638 C C   . ALA A 1 128 ? -2.973  -8.966  -13.912 1.00 128.00 ? 128 ALA P C   1 
ATOM 639 O O   . ALA A 1 128 ? -3.677  -7.961  -13.903 1.00 128.00 ? 128 ALA P O   1 
ATOM 640 C CB  . ALA A 1 128 ? -0.530  -9.380  -14.320 1.00 128.00 ? 128 ALA P CB  1 
ATOM 641 N N   . ALA A 1 129 ? -3.106  -9.935  -13.026 1.00 129.00 ? 129 ALA P N   1 
ATOM 642 C CA  . ALA A 1 129 ? -3.821  -9.767  -11.773 1.00 129.00 ? 129 ALA P CA  1 
ATOM 643 C C   . ALA A 1 129 ? -2.757  -9.334  -10.778 1.00 129.00 ? 129 ALA P C   1 
ATOM 644 O O   . ALA A 1 129 ? -1.600  -9.735  -10.896 1.00 129.00 ? 129 ALA P O   1 
ATOM 645 C CB  . ALA A 1 129 ? -4.516  -11.056 -11.366 1.00 129.00 ? 129 ALA P CB  1 
ATOM 646 N N   . ALA A 1 130 ? -3.095  -8.457  -9.853  1.00 130.00 ? 130 ALA P N   1 
ATOM 647 C CA  . ALA A 1 130 ? -2.025  -7.653  -9.294  1.00 130.00 ? 130 ALA P CA  1 
ATOM 648 C C   . ALA A 1 130 ? -1.559  -8.046  -7.903  1.00 130.00 ? 130 ALA P C   1 
ATOM 649 O O   . ALA A 1 130 ? -0.646  -7.404  -7.388  1.00 130.00 ? 130 ALA P O   1 
ATOM 650 C CB  . ALA A 1 130 ? -2.479  -6.219  -9.188  1.00 130.00 ? 130 ALA P CB  1 
ATOM 651 N N   . ALA A 1 131 ? -2.042  -9.149  -7.356  1.00 131.00 ? 131 ALA P N   1 
ATOM 652 C CA  . ALA A 1 131 ? -2.506  -9.140  -5.959  1.00 131.00 ? 131 ALA P CA  1 
ATOM 653 C C   . ALA A 1 131 ? -1.507  -8.454  -5.036  1.00 131.00 ? 131 ALA P C   1 
ATOM 654 O O   . ALA A 1 131 ? -0.353  -8.807  -4.987  1.00 131.00 ? 131 ALA P O   1 
ATOM 655 C CB  . ALA A 1 131 ? -2.710  -10.547 -5.467  1.00 131.00 ? 131 ALA P CB  1 
ATOM 656 N N   . ALA A 1 132 ? -1.996  -7.486  -4.275  1.00 132.00 ? 132 ALA P N   1 
ATOM 657 C CA  . ALA A 1 132 ? -1.172  -6.549  -3.515  1.00 132.00 ? 132 ALA P CA  1 
ATOM 658 C C   . ALA A 1 132 ? -0.571  -7.100  -2.240  1.00 132.00 ? 132 ALA P C   1 
ATOM 659 O O   . ALA A 1 132 ? -1.042  -8.098  -1.736  1.00 132.00 ? 132 ALA P O   1 
ATOM 660 C CB  . ALA A 1 132 ? -1.969  -5.375  -3.189  1.00 132.00 ? 132 ALA P CB  1 
ATOM 661 N N   . ALA A 1 133 ? 0.456   -6.452  -1.693  1.00 133.00 ? 133 ALA P N   1 
ATOM 662 C CA  . ALA A 1 133 ? 1.011   -6.861  -0.405  1.00 133.00 ? 133 ALA P CA  1 
ATOM 663 C C   . ALA A 1 133 ? 1.724   -5.706  0.288   1.00 133.00 ? 133 ALA P C   1 
ATOM 664 O O   . ALA A 1 133 ? 2.228   -4.800  -0.378  1.00 133.00 ? 133 ALA P O   1 
ATOM 665 C CB  . ALA A 1 133 ? 1.975   -8.023  -0.592  1.00 133.00 ? 133 ALA P CB  1 
ATOM 666 N N   . ALA A 1 134 ? 1.804   -5.759  1.620   1.00 134.00 ? 134 ALA P N   1 
ATOM 667 C CA  . ALA A 1 134 ? 2.458   -4.718  2.409   1.00 134.00 ? 134 ALA P CA  1 
ATOM 668 C C   . ALA A 1 134 ? 3.538   -5.331  3.299   1.00 134.00 ? 134 ALA P C   1 
ATOM 669 O O   . ALA A 1 134 ? 3.231   -6.145  4.172   1.00 134.00 ? 134 ALA P O   1 
ATOM 670 C CB  . ALA A 1 134 ? 1.434   -3.982  3.265   1.00 134.00 ? 134 ALA P CB  1 
ATOM 671 N N   . ALA A 1 135 ? 4.796   -4.935  3.090   1.00 135.00 ? 135 ALA P N   1 
ATOM 672 C CA  . ALA A 1 135 ? 5.888   -5.462  3.902   1.00 135.00 ? 135 ALA P CA  1 
ATOM 673 C C   . ALA A 1 135 ? 5.691   -5.061  5.355   1.00 135.00 ? 135 ALA P C   1 
ATOM 674 O O   . ALA A 1 135 ? 5.048   -4.060  5.662   1.00 135.00 ? 135 ALA P O   1 
ATOM 675 C CB  . ALA A 1 135 ? 7.236   -4.969  3.389   1.00 135.00 ? 135 ALA P CB  1 
ATOM 676 N N   . ALA A 1 136 ? 6.247   -5.857  6.256   1.00 136.00 ? 136 ALA P N   1 
ATOM 677 C CA  . ALA A 1 136 ? 5.637   -5.988  7.571   1.00 136.00 ? 136 ALA P CA  1 
ATOM 678 C C   . ALA A 1 136 ? 6.161   -5.162  8.732   1.00 136.00 ? 136 ALA P C   1 
ATOM 679 O O   . ALA A 1 136 ? 5.754   -5.441  9.859   1.00 136.00 ? 136 ALA P O   1 
ATOM 680 C CB  . ALA A 1 136 ? 5.672   -7.443  8.026   1.00 136.00 ? 136 ALA P CB  1 
ATOM 681 N N   . ALA A 1 137 ? 7.058   -4.196  8.570   1.00 137.00 ? 137 ALA P N   1 
ATOM 682 C CA  . ALA A 1 137 ? 7.498   -3.556  9.808   1.00 137.00 ? 137 ALA P CA  1 
ATOM 683 C C   . ALA A 1 137 ? 6.451   -2.612  10.401  1.00 137.00 ? 137 ALA P C   1 
ATOM 684 O O   . ALA A 1 137 ? 6.349   -1.432  10.061  1.00 137.00 ? 137 ALA P O   1 
ATOM 685 C CB  . ALA A 1 137 ? 8.795   -2.796  9.603   1.00 137.00 ? 137 ALA P CB  1 
ATOM 686 N N   . ALA A 1 138 ? 5.693   -3.178  11.341  1.00 138.00 ? 138 ALA P N   1 
ATOM 687 C CA  . ALA A 1 138 ? 4.452   -2.629  11.881  1.00 138.00 ? 138 ALA P CA  1 
ATOM 688 C C   . ALA A 1 138 ? 3.978   -3.630  12.922  1.00 138.00 ? 138 ALA P C   1 
ATOM 689 O O   . ALA A 1 138 ? 4.653   -4.619  13.207  1.00 138.00 ? 138 ALA P O   1 
ATOM 690 C CB  . ALA A 1 138 ? 3.396   -2.444  10.794  1.00 138.00 ? 138 ALA P CB  1 
ATOM 691 N N   . ALA A 1 139 ? 2.807   -3.385  13.492  1.00 139.00 ? 139 ALA P N   1 
ATOM 692 C CA  . ALA A 1 139 ? 2.248   -4.353  14.428  1.00 139.00 ? 139 ALA P CA  1 
ATOM 693 C C   . ALA A 1 139 ? 0.830   -4.722  14.036  1.00 139.00 ? 139 ALA P C   1 
ATOM 694 O O   . ALA A 1 139 ? 0.385   -4.381  12.940  1.00 139.00 ? 139 ALA P O   1 
ATOM 695 C CB  . ALA A 1 139 ? 2.266   -3.817  15.853  1.00 139.00 ? 139 ALA P CB  1 
ATOM 696 N N   . ALA A 1 140 ? 0.122   -5.431  14.906  1.00 140.00 ? 140 ALA P N   1 
ATOM 697 C CA  . ALA A 1 140 ? -1.269  -5.790  14.678  1.00 140.00 ? 140 ALA P CA  1 
ATOM 698 C C   . ALA A 1 140 ? -2.147  -5.063  15.679  1.00 140.00 ? 140 ALA P C   1 
ATOM 699 O O   . ALA A 1 140 ? -1.685  -4.688  16.756  1.00 140.00 ? 140 ALA P O   1 
ATOM 700 C CB  . ALA A 1 140 ? -1.480  -7.289  14.809  1.00 140.00 ? 140 ALA P CB  1 
ATOM 701 N N   . ALA A 1 141 ? -3.416  -4.866  15.328  1.00 141.00 ? 141 ALA P N   1 
ATOM 702 C CA  . ALA A 1 141 ? -4.270  -4.037  16.170  1.00 141.00 ? 141 ALA P CA  1 
ATOM 703 C C   . ALA A 1 141 ? -5.181  -4.722  17.178  1.00 141.00 ? 141 ALA P C   1 
ATOM 704 O O   . ALA A 1 141 ? -5.102  -4.455  18.380  1.00 141.00 ? 141 ALA P O   1 
ATOM 705 C CB  . ALA A 1 141 ? -5.239  -3.254  15.294  1.00 141.00 ? 141 ALA P CB  1 
ATOM 706 N N   . ALA A 1 142 ? -6.058  -5.600  16.705  1.00 142.00 ? 142 ALA P N   1 
ATOM 707 C CA  . ALA A 1 142 ? -6.841  -6.485  17.553  1.00 142.00 ? 142 ALA P CA  1 
ATOM 708 C C   . ALA A 1 142 ? -7.337  -7.547  16.593  1.00 142.00 ? 142 ALA P C   1 
ATOM 709 O O   . ALA A 1 142 ? -7.999  -7.244  15.599  1.00 142.00 ? 142 ALA P O   1 
ATOM 710 C CB  . ALA A 1 142 ? -8.000  -5.874  18.336  1.00 142.00 ? 142 ALA P CB  1 
ATOM 711 N N   . ALA A 1 143 ? -7.085  -8.803  16.939  1.00 143.00 ? 143 ALA P N   1 
ATOM 712 C CA  . ALA A 1 143 ? -6.751  -9.827  15.959  1.00 143.00 ? 143 ALA P CA  1 
ATOM 713 C C   . ALA A 1 143 ? -7.682  -9.783  14.752  1.00 143.00 ? 143 ALA P C   1 
ATOM 714 O O   . ALA A 1 143 ? -7.244  -10.076 13.637  1.00 143.00 ? 143 ALA P O   1 
ATOM 715 C CB  . ALA A 1 143 ? -6.697  -11.189 16.638  1.00 143.00 ? 143 ALA P CB  1 
ATOM 716 N N   . ALA A 1 144 ? -8.945  -9.396  14.946  1.00 144.00 ? 144 ALA P N   1 
ATOM 717 C CA  . ALA A 1 144 ? -9.930  -9.410  13.868  1.00 144.00 ? 144 ALA P CA  1 
ATOM 718 C C   . ALA A 1 144 ? -9.369  -9.060  12.493  1.00 144.00 ? 144 ALA P C   1 
ATOM 719 O O   . ALA A 1 144 ? -9.297  -9.922  11.612  1.00 144.00 ? 144 ALA P O   1 
ATOM 720 C CB  . ALA A 1 144 ? -11.096 -8.489  14.209  1.00 144.00 ? 144 ALA P CB  1 
ATOM 721 N N   . ALA A 1 145 ? -8.962  -7.808  12.285  1.00 145.00 ? 145 ALA P N   1 
ATOM 722 C CA  . ALA A 1 145 ? -8.518  -7.398  10.957  1.00 145.00 ? 145 ALA P CA  1 
ATOM 723 C C   . ALA A 1 145 ? -7.307  -8.191  10.495  1.00 145.00 ? 145 ALA P C   1 
ATOM 724 O O   . ALA A 1 145 ? -7.158  -8.451  9.298   1.00 145.00 ? 145 ALA P O   1 
ATOM 725 C CB  . ALA A 1 145 ? -8.209  -5.909  10.939  1.00 145.00 ? 145 ALA P CB  1 
ATOM 726 N N   . ALA A 1 146 ? -6.444  -8.598  11.418  1.00 146.00 ? 146 ALA P N   1 
ATOM 727 C CA  . ALA A 1 146 ? -5.352  -9.475  11.037  1.00 146.00 ? 146 ALA P CA  1 
ATOM 728 C C   . ALA A 1 146 ? -5.876  -10.713 10.351  1.00 146.00 ? 146 ALA P C   1 
ATOM 729 O O   . ALA A 1 146 ? -5.147  -11.371 9.613   1.00 146.00 ? 146 ALA P O   1 
ATOM 730 C CB  . ALA A 1 146 ? -4.539  -9.876  12.262  1.00 146.00 ? 146 ALA P CB  1 
ATOM 731 N N   . ALA A 1 147 ? -7.124  -11.063 10.613  1.00 147.00 ? 147 ALA P N   1 
ATOM 732 C CA  . ALA A 1 147 ? -7.729  -12.247 10.039  1.00 147.00 ? 147 ALA P CA  1 
ATOM 733 C C   . ALA A 1 147 ? -8.587  -11.960 8.825   1.00 147.00 ? 147 ALA P C   1 
ATOM 734 O O   . ALA A 1 147 ? -9.196  -12.886 8.292   1.00 147.00 ? 147 ALA P O   1 
ATOM 735 C CB  . ALA A 1 147 ? -8.569  -12.972 11.082  1.00 147.00 ? 147 ALA P CB  1 
ATOM 736 N N   . ALA A 1 148 ? -8.685  -10.711 8.388   1.00 148.00 ? 148 ALA P N   1 
ATOM 737 C CA  . ALA A 1 148 ? -9.341  -10.439 7.117   1.00 148.00 ? 148 ALA P CA  1 
ATOM 738 C C   . ALA A 1 148 ? -8.384  -10.213 5.968   1.00 148.00 ? 148 ALA P C   1 
ATOM 739 O O   . ALA A 1 148 ? -8.480  -10.874 4.937   1.00 148.00 ? 148 ALA P O   1 
ATOM 740 C CB  . ALA A 1 148 ? -10.171 -9.163  7.191   1.00 148.00 ? 148 ALA P CB  1 
ATOM 741 N N   . ALA A 1 149 ? -7.463  -9.286  6.126   1.00 149.00 ? 149 ALA P N   1 
ATOM 742 C CA  . ALA A 1 149 ? -6.240  -9.407  5.376   1.00 149.00 ? 149 ALA P CA  1 
ATOM 743 C C   . ALA A 1 149 ? -5.575  -10.639 5.947   1.00 149.00 ? 149 ALA P C   1 
ATOM 744 O O   . ALA A 1 149 ? -5.588  -10.852 7.158   1.00 149.00 ? 149 ALA P O   1 
ATOM 745 C CB  . ALA A 1 149 ? -5.391  -8.175  5.628   1.00 149.00 ? 149 ALA P CB  1 
ATOM 746 N N   . ALA A 1 150 ? -5.038  -11.475 5.075   1.00 150.00 ? 150 ALA P N   1 
ATOM 747 C CA  . ALA A 1 150 ? -4.417  -12.724 5.480   1.00 150.00 ? 150 ALA P CA  1 
ATOM 748 C C   . ALA A 1 150 ? -2.927  -12.508 5.710   1.00 150.00 ? 150 ALA P C   1 
ATOM 749 O O   . ALA A 1 150 ? -2.249  -11.892 4.885   1.00 150.00 ? 150 ALA P O   1 
ATOM 750 C CB  . ALA A 1 150 ? -4.681  -13.811 4.444   1.00 150.00 ? 150 ALA P CB  1 
ATOM 751 N N   . ALA A 1 151 ? -2.423  -13.016 6.825   1.00 151.00 ? 151 ALA P N   1 
ATOM 752 C CA  . ALA A 1 151 ? -1.015  -12.873 7.127   1.00 151.00 ? 151 ALA P CA  1 
ATOM 753 C C   . ALA A 1 151 ? -0.222  -13.885 6.322   1.00 151.00 ? 151 ALA P C   1 
ATOM 754 O O   . ALA A 1 151 ? -0.771  -14.639 5.521   1.00 151.00 ? 151 ALA P O   1 
ATOM 755 C CB  . ALA A 1 151 ? -0.755  -13.133 8.604   1.00 151.00 ? 151 ALA P CB  1 
ATOM 756 N N   . ALA A 1 152 ? 1.088   -13.893 6.540   1.00 152.00 ? 152 ALA P N   1 
ATOM 757 C CA  . ALA A 1 152 ? 1.972   -14.862 5.903   1.00 152.00 ? 152 ALA P CA  1 
ATOM 758 C C   . ALA A 1 152 ? 3.326   -14.880 6.561   1.00 152.00 ? 152 ALA P C   1 
ATOM 759 O O   . ALA A 1 152 ? 3.507   -14.419 7.678   0.00 152.00 ? 152 ALA P O   1 
ATOM 760 C CB  . ALA A 1 152 ? 2.128   -14.568 4.443   1.00 152.00 ? 152 ALA P CB  1 
ATOM 761 O OXT . ALA A 1 152 ? 4.275   -15.365 5.968   0.00 152.00 ? 152 ALA P OXT 1 
# 
